data_3UDI
#
_entry.id   3UDI
#
_cell.length_a   119.000
_cell.length_b   242.680
_cell.length_c   49.050
_cell.angle_alpha   90.00
_cell.angle_beta   90.00
_cell.angle_gamma   90.00
#
_symmetry.space_group_name_H-M   'P 21 21 2'
#
loop_
_entity.id
_entity.type
_entity.pdbx_description
1 polymer 'Penicillin-binding protein 1a'
2 non-polymer 'OPEN FORM - PENICILLIN G'
3 water water
#
_entity_poly.entity_id   1
_entity_poly.type   'polypeptide(L)'
_entity_poly.pdbx_seq_one_letter_code
;MHHHHHHENLYFQSHMLLKPLQVYTADNQLIAEYGGKLSIPVEYKQIPPNFIHAFLAAEDSSFFEHSGISFKGLGRALSE
SVTGSDVQTGGSTITMQVAKNYYLSPERTLKRKITEIFLARKIEQNLSKEDILSLYVNKIFLGKNAYGIAAAAKIYYNKS
INELSIAQMAMIAGLPKAPSKYNPVVNPERALERRNWILGRMLQLGYISQAEYQKAVAEPINLNMPNRDLNNIHPYAGEM
VRSELVKHFGEQAIDSGYKVYTTINAKRQAIAEKAVQDGLEAYDRRHGWRGAEAHDKPLSEFRAYANTYPAQVTKVNSSS
FEALMQDGSTVTVQWSGMSWARPYRNANSVGAAPSRASQIVKVKDIVRLRPNEAKTAWSLVQVPKVQGQLIAINPNDGSI
EAIVGGYNFYQSKFNRALQGWRQPGSTIKPFLYALALERGMTPYSMVNDSPITIGKWTPKNSDGRYLGMIPLRRALYLSR
NTVSVRLLQTVGIERTRQLFMDFGLQEDQIPRNYTIALGTPQVLPIQMATGYATFANGGYRVQPHFIQRIEDAYGKVIYE
AKPEYACIPCINAPETTDDAQVTTPDDQVVEVTNKELEQKEKTTKQLNLKQTDKNNSQYRQAQRILKSSSAYDMANILRD
VIEHGTGRAALKIGRSDLGGKTGTTNDAKDAWFAGFNGKLVTVTWVGFDQPTTLGRREYGGIAALPIWINFMGQALQGTP
AAWVRLEKDAQ
;
_entity_poly.pdbx_strand_id   A,B
#
loop_
_chem_comp.id
_chem_comp.type
_chem_comp.name
_chem_comp.formula
PNM non-polymer 'OPEN FORM - PENICILLIN G' 'C16 H20 N2 O4 S'
#
# COMPACT_ATOMS: atom_id res chain seq x y z
N LYS A 19 -10.29 -20.02 1.71
CA LYS A 19 -11.36 -19.93 2.71
C LYS A 19 -11.98 -18.50 2.77
N PRO A 20 -13.01 -18.14 1.95
CA PRO A 20 -13.48 -16.76 1.98
C PRO A 20 -14.51 -16.45 3.05
N LEU A 21 -14.71 -15.15 3.31
CA LEU A 21 -15.75 -14.66 4.20
C LEU A 21 -17.08 -15.07 3.54
N GLN A 22 -17.89 -15.83 4.28
CA GLN A 22 -19.18 -16.31 3.79
C GLN A 22 -20.34 -15.61 4.51
N VAL A 23 -21.30 -15.13 3.72
CA VAL A 23 -22.51 -14.45 4.19
C VAL A 23 -23.74 -15.33 3.93
N TYR A 24 -24.48 -15.64 5.01
CA TYR A 24 -25.72 -16.45 4.99
C TYR A 24 -26.93 -15.64 5.46
N THR A 25 -28.14 -16.04 5.08
CA THR A 25 -29.35 -15.36 5.59
C THR A 25 -29.81 -16.09 6.86
N ALA A 26 -30.92 -15.63 7.47
CA ALA A 26 -31.51 -16.24 8.66
C ALA A 26 -31.97 -17.68 8.40
N ASP A 27 -32.18 -18.08 7.11
CA ASP A 27 -32.55 -19.44 6.71
C ASP A 27 -31.33 -20.29 6.32
N ASN A 28 -30.13 -19.91 6.82
CA ASN A 28 -28.83 -20.54 6.61
C ASN A 28 -28.44 -20.67 5.14
N GLN A 29 -29.01 -19.81 4.27
CA GLN A 29 -28.72 -19.79 2.84
C GLN A 29 -27.58 -18.82 2.45
N LEU A 30 -26.63 -19.31 1.64
CA LEU A 30 -25.43 -18.59 1.27
C LEU A 30 -25.75 -17.59 0.18
N ILE A 31 -25.49 -16.30 0.42
CA ILE A 31 -25.80 -15.24 -0.54
C ILE A 31 -24.57 -14.58 -1.11
N ALA A 32 -23.48 -14.55 -0.31
CA ALA A 32 -22.22 -13.92 -0.74
C ALA A 32 -20.98 -14.60 -0.20
N GLU A 33 -19.90 -14.63 -1.03
CA GLU A 33 -18.55 -15.11 -0.69
C GLU A 33 -17.61 -14.00 -1.05
N TYR A 34 -16.76 -13.63 -0.08
CA TYR A 34 -15.81 -12.54 -0.22
C TYR A 34 -14.39 -13.01 -0.03
N GLY A 35 -13.69 -13.19 -1.15
CA GLY A 35 -12.31 -13.65 -1.17
C GLY A 35 -11.34 -12.56 -0.80
N GLY A 36 -10.47 -12.85 0.16
CA GLY A 36 -9.44 -11.93 0.62
C GLY A 36 -8.08 -12.30 0.08
N LYS A 37 -7.08 -12.43 0.98
CA LYS A 37 -5.69 -12.79 0.66
C LYS A 37 -5.64 -14.22 0.13
N LEU A 38 -5.07 -14.39 -1.06
CA LEU A 38 -5.01 -15.68 -1.70
C LEU A 38 -3.56 -16.18 -1.77
N SER A 39 -3.38 -17.51 -1.57
CA SER A 39 -2.12 -18.24 -1.65
C SER A 39 -2.44 -19.68 -2.04
N ILE A 40 -1.87 -20.15 -3.17
CA ILE A 40 -2.06 -21.51 -3.64
C ILE A 40 -0.67 -22.09 -3.74
N PRO A 41 -0.16 -22.69 -2.65
CA PRO A 41 1.20 -23.24 -2.71
C PRO A 41 1.32 -24.34 -3.77
N VAL A 42 2.41 -24.30 -4.52
CA VAL A 42 2.79 -25.23 -5.58
C VAL A 42 4.15 -25.86 -5.25
N GLU A 43 4.37 -27.11 -5.69
CA GLU A 43 5.65 -27.79 -5.48
C GLU A 43 6.61 -27.19 -6.52
N TYR A 44 7.89 -26.95 -6.16
CA TYR A 44 8.84 -26.33 -7.08
C TYR A 44 8.90 -27.02 -8.44
N LYS A 45 8.83 -28.38 -8.44
CA LYS A 45 8.83 -29.20 -9.66
C LYS A 45 7.64 -28.86 -10.59
N GLN A 46 6.47 -28.52 -10.02
CA GLN A 46 5.24 -28.14 -10.74
C GLN A 46 5.36 -26.81 -11.52
N ILE A 47 6.45 -26.04 -11.28
CA ILE A 47 6.63 -24.72 -11.90
C ILE A 47 7.25 -24.82 -13.29
N PRO A 48 6.62 -24.19 -14.32
CA PRO A 48 7.23 -24.20 -15.66
C PRO A 48 8.60 -23.50 -15.61
N PRO A 49 9.63 -24.04 -16.30
CA PRO A 49 10.95 -23.39 -16.28
C PRO A 49 10.94 -21.93 -16.72
N ASN A 50 10.10 -21.57 -17.71
CA ASN A 50 9.96 -20.20 -18.21
C ASN A 50 9.51 -19.21 -17.16
N PHE A 51 8.79 -19.69 -16.13
CA PHE A 51 8.35 -18.85 -15.04
C PHE A 51 9.52 -18.53 -14.16
N ILE A 52 10.35 -19.56 -13.86
CA ILE A 52 11.57 -19.42 -13.08
C ILE A 52 12.52 -18.49 -13.84
N HIS A 53 12.68 -18.71 -15.15
CA HIS A 53 13.50 -17.88 -16.02
C HIS A 53 13.11 -16.44 -16.01
N ALA A 54 11.79 -16.15 -15.95
CA ALA A 54 11.23 -14.80 -15.90
C ALA A 54 11.70 -14.08 -14.65
N PHE A 55 11.68 -14.79 -13.50
CA PHE A 55 12.16 -14.25 -12.23
C PHE A 55 13.66 -14.04 -12.23
N LEU A 56 14.42 -14.91 -12.91
CA LEU A 56 15.88 -14.81 -13.05
C LEU A 56 16.33 -13.63 -13.89
N ALA A 57 15.53 -13.23 -14.89
CA ALA A 57 15.80 -12.09 -15.77
C ALA A 57 15.20 -10.79 -15.22
N ALA A 58 14.37 -10.89 -14.17
CA ALA A 58 13.68 -9.75 -13.55
C ALA A 58 14.64 -8.69 -12.94
N GLU A 59 15.81 -9.13 -12.47
CA GLU A 59 16.82 -8.23 -11.91
C GLU A 59 18.11 -8.37 -12.62
N ASP A 60 18.81 -7.26 -12.80
CA ASP A 60 20.11 -7.24 -13.47
C ASP A 60 21.18 -8.03 -12.70
N SER A 61 21.30 -7.78 -11.39
CA SER A 61 22.32 -8.45 -10.60
C SER A 61 21.83 -9.16 -9.36
N SER A 62 22.25 -10.42 -9.24
CA SER A 62 21.94 -11.34 -8.14
C SER A 62 23.27 -11.78 -7.49
N PHE A 63 23.33 -11.72 -6.15
CA PHE A 63 24.54 -12.04 -5.39
C PHE A 63 24.25 -12.97 -4.21
N PHE A 64 23.23 -13.81 -4.29
CA PHE A 64 22.89 -14.66 -3.15
C PHE A 64 23.88 -15.81 -2.90
N GLN A 125 25.41 -17.85 -13.13
CA GLN A 125 24.67 -16.60 -13.31
C GLN A 125 23.22 -16.79 -12.86
N ASN A 126 22.83 -16.09 -11.78
CA ASN A 126 21.48 -16.18 -11.19
C ASN A 126 21.13 -17.64 -10.73
N LEU A 127 22.08 -18.58 -10.82
CA LEU A 127 21.93 -19.99 -10.47
C LEU A 127 21.59 -20.19 -8.99
N SER A 128 22.11 -19.34 -8.09
CA SER A 128 21.78 -19.40 -6.65
C SER A 128 20.44 -18.72 -6.37
N LYS A 129 19.96 -17.86 -7.29
CA LYS A 129 18.62 -17.24 -7.17
C LYS A 129 17.60 -18.34 -7.38
N GLU A 130 17.84 -19.27 -8.32
CA GLU A 130 16.96 -20.41 -8.56
C GLU A 130 16.72 -21.27 -7.29
N ASP A 131 17.74 -21.41 -6.43
CA ASP A 131 17.63 -22.16 -5.20
C ASP A 131 16.87 -21.35 -4.16
N ILE A 132 17.19 -20.04 -4.00
CA ILE A 132 16.49 -19.19 -3.02
C ILE A 132 15.05 -18.86 -3.45
N LEU A 133 14.74 -18.93 -4.77
CA LEU A 133 13.42 -18.65 -5.32
C LEU A 133 12.35 -19.60 -4.76
N SER A 134 12.74 -20.90 -4.59
CA SER A 134 11.90 -21.98 -4.03
C SER A 134 11.35 -21.63 -2.66
N LEU A 135 12.11 -20.85 -1.88
CA LEU A 135 11.72 -20.39 -0.53
C LEU A 135 10.59 -19.36 -0.55
N TYR A 136 10.59 -18.48 -1.59
CA TYR A 136 9.64 -17.36 -1.70
C TYR A 136 8.50 -17.52 -2.70
N VAL A 137 8.68 -18.41 -3.70
CA VAL A 137 7.76 -18.66 -4.80
C VAL A 137 6.25 -18.71 -4.48
N ASN A 138 5.88 -19.23 -3.29
CA ASN A 138 4.48 -19.34 -2.83
C ASN A 138 4.04 -18.27 -1.87
N LYS A 139 4.96 -17.40 -1.45
CA LYS A 139 4.67 -16.33 -0.51
C LYS A 139 4.81 -14.89 -1.05
N ILE A 140 5.60 -14.66 -2.10
CA ILE A 140 5.81 -13.34 -2.70
C ILE A 140 4.47 -12.61 -2.90
N PHE A 141 4.36 -11.38 -2.36
CA PHE A 141 3.17 -10.52 -2.53
C PHE A 141 3.28 -9.99 -3.96
N LEU A 142 2.22 -10.19 -4.74
CA LEU A 142 2.21 -9.84 -6.15
C LEU A 142 1.09 -8.87 -6.50
N GLY A 143 0.64 -8.11 -5.52
CA GLY A 143 -0.40 -7.11 -5.67
C GLY A 143 -1.80 -7.69 -5.74
N LYS A 144 -2.80 -6.85 -5.39
CA LYS A 144 -4.23 -7.16 -5.45
C LYS A 144 -4.57 -8.50 -4.75
N ASN A 145 -4.15 -8.65 -3.47
CA ASN A 145 -4.36 -9.85 -2.63
C ASN A 145 -3.65 -11.13 -3.10
N ALA A 146 -2.69 -11.04 -4.08
CA ALA A 146 -2.02 -12.24 -4.57
C ALA A 146 -0.70 -12.51 -3.88
N TYR A 147 -0.58 -13.68 -3.22
CA TYR A 147 0.62 -14.15 -2.53
C TYR A 147 1.07 -15.45 -3.15
N GLY A 148 2.15 -15.37 -3.93
CA GLY A 148 2.70 -16.50 -4.64
C GLY A 148 2.23 -16.53 -6.08
N ILE A 149 3.01 -17.20 -6.90
CA ILE A 149 2.81 -17.33 -8.33
C ILE A 149 1.43 -17.85 -8.73
N ALA A 150 0.93 -18.88 -8.04
CA ALA A 150 -0.37 -19.47 -8.36
C ALA A 150 -1.51 -18.50 -8.08
N ALA A 151 -1.47 -17.78 -6.94
CA ALA A 151 -2.49 -16.79 -6.60
C ALA A 151 -2.50 -15.64 -7.61
N ALA A 152 -1.31 -15.20 -8.11
CA ALA A 152 -1.23 -14.15 -9.12
C ALA A 152 -1.73 -14.63 -10.49
N ALA A 153 -1.48 -15.92 -10.83
CA ALA A 153 -1.95 -16.52 -12.09
C ALA A 153 -3.48 -16.57 -12.08
N LYS A 154 -4.08 -16.84 -10.90
CA LYS A 154 -5.53 -16.89 -10.69
C LYS A 154 -6.18 -15.52 -10.67
N ILE A 155 -5.64 -14.58 -9.88
CA ILE A 155 -6.16 -13.22 -9.72
C ILE A 155 -6.11 -12.37 -11.01
N TYR A 156 -4.96 -12.34 -11.69
CA TYR A 156 -4.78 -11.52 -12.88
C TYR A 156 -5.29 -12.12 -14.18
N TYR A 157 -5.25 -13.46 -14.31
CA TYR A 157 -5.60 -14.12 -15.57
C TYR A 157 -6.63 -15.24 -15.50
N ASN A 158 -7.00 -15.72 -14.29
CA ASN A 158 -7.95 -16.83 -14.10
C ASN A 158 -7.37 -18.12 -14.71
N LYS A 159 -6.04 -18.26 -14.54
CA LYS A 159 -5.26 -19.37 -15.06
C LYS A 159 -4.50 -20.09 -13.96
N SER A 160 -4.01 -21.29 -14.29
CA SER A 160 -3.10 -22.06 -13.45
C SER A 160 -1.73 -21.64 -13.98
N ILE A 161 -0.65 -21.88 -13.21
CA ILE A 161 0.70 -21.49 -13.65
C ILE A 161 1.14 -22.11 -14.97
N ASN A 162 0.69 -23.34 -15.26
CA ASN A 162 1.06 -23.99 -16.53
C ASN A 162 0.25 -23.49 -17.73
N GLU A 163 -0.85 -22.75 -17.48
CA GLU A 163 -1.67 -22.16 -18.53
C GLU A 163 -1.14 -20.79 -18.99
N LEU A 164 -0.23 -20.16 -18.19
CA LEU A 164 0.32 -18.83 -18.50
C LEU A 164 1.17 -18.80 -19.76
N SER A 165 1.17 -17.62 -20.44
CA SER A 165 2.00 -17.38 -21.62
C SER A 165 3.34 -16.84 -21.11
N ILE A 166 4.36 -16.76 -21.98
CA ILE A 166 5.69 -16.24 -21.62
C ILE A 166 5.57 -14.77 -21.18
N ALA A 167 4.76 -13.98 -21.90
CA ALA A 167 4.46 -12.58 -21.63
C ALA A 167 3.78 -12.40 -20.26
N GLN A 168 2.87 -13.32 -19.91
CA GLN A 168 2.16 -13.27 -18.63
C GLN A 168 3.08 -13.58 -17.46
N MET A 169 3.93 -14.61 -17.64
CA MET A 169 4.97 -15.03 -16.70
C MET A 169 5.93 -13.88 -16.43
N ALA A 170 6.36 -13.17 -17.50
CA ALA A 170 7.25 -12.01 -17.39
C ALA A 170 6.55 -10.84 -16.66
N MET A 171 5.23 -10.65 -16.86
CA MET A 171 4.42 -9.61 -16.22
C MET A 171 4.43 -9.78 -14.69
N ILE A 172 4.10 -11.01 -14.20
CA ILE A 172 4.10 -11.41 -12.78
C ILE A 172 5.53 -11.29 -12.20
N ALA A 173 6.56 -11.67 -12.99
CA ALA A 173 7.98 -11.60 -12.62
C ALA A 173 8.46 -10.18 -12.31
N GLY A 174 7.74 -9.16 -12.80
CA GLY A 174 8.11 -7.76 -12.64
C GLY A 174 7.45 -7.05 -11.47
N LEU A 175 6.50 -7.70 -10.86
CA LEU A 175 5.74 -7.18 -9.75
C LEU A 175 6.43 -7.21 -8.38
N PRO A 176 7.26 -8.21 -7.98
CA PRO A 176 7.79 -8.23 -6.60
C PRO A 176 8.41 -6.97 -6.02
N LYS A 177 9.31 -6.30 -6.79
CA LYS A 177 10.06 -5.08 -6.47
C LYS A 177 9.16 -3.97 -5.89
N ALA A 178 8.03 -3.67 -6.57
CA ALA A 178 7.04 -2.66 -6.14
C ALA A 178 5.66 -3.04 -6.71
N PRO A 179 4.85 -3.84 -5.98
CA PRO A 179 3.55 -4.30 -6.53
C PRO A 179 2.44 -3.24 -6.66
N SER A 180 2.81 -2.00 -6.96
CA SER A 180 1.90 -0.86 -7.17
C SER A 180 2.43 0.06 -8.27
N LYS A 181 3.74 0.34 -8.25
CA LYS A 181 4.42 1.13 -9.30
C LYS A 181 4.42 0.34 -10.65
N TYR A 182 4.37 -1.02 -10.58
CA TYR A 182 4.36 -1.95 -11.73
C TYR A 182 3.03 -2.72 -11.92
N ASN A 183 2.06 -2.54 -11.01
CA ASN A 183 0.76 -3.23 -11.06
C ASN A 183 0.05 -3.01 -12.41
N PRO A 184 -0.30 -4.06 -13.22
CA PRO A 184 -0.96 -3.82 -14.51
C PRO A 184 -2.39 -3.26 -14.42
N VAL A 185 -2.98 -3.27 -13.23
CA VAL A 185 -4.30 -2.70 -12.97
C VAL A 185 -4.11 -1.21 -12.76
N VAL A 186 -3.35 -0.83 -11.71
CA VAL A 186 -3.12 0.54 -11.28
C VAL A 186 -2.14 1.35 -12.12
N ASN A 187 -1.25 0.68 -12.86
CA ASN A 187 -0.31 1.37 -13.75
C ASN A 187 -0.01 0.51 -15.00
N PRO A 188 -0.98 0.30 -15.93
CA PRO A 188 -0.70 -0.53 -17.13
C PRO A 188 0.51 -0.12 -17.99
N GLU A 189 0.77 1.22 -18.05
CA GLU A 189 1.86 1.90 -18.79
C GLU A 189 3.25 1.32 -18.44
N ARG A 190 3.66 1.50 -17.17
CA ARG A 190 4.90 1.01 -16.60
C ARG A 190 4.95 -0.53 -16.54
N ALA A 191 3.79 -1.20 -16.31
CA ALA A 191 3.66 -2.65 -16.29
C ALA A 191 4.13 -3.25 -17.60
N LEU A 192 3.71 -2.68 -18.75
CA LEU A 192 4.17 -3.15 -20.06
C LEU A 192 5.68 -2.90 -20.22
N GLU A 193 6.17 -1.70 -19.82
CA GLU A 193 7.57 -1.32 -19.91
C GLU A 193 8.47 -2.29 -19.15
N ARG A 194 8.06 -2.64 -17.93
CA ARG A 194 8.76 -3.58 -17.06
C ARG A 194 8.74 -4.98 -17.72
N ARG A 195 7.53 -5.50 -18.07
CA ARG A 195 7.35 -6.80 -18.72
C ARG A 195 8.27 -7.03 -19.90
N ASN A 196 8.28 -6.08 -20.86
CA ASN A 196 9.08 -6.14 -22.08
C ASN A 196 10.54 -6.03 -21.78
N TRP A 197 10.91 -5.25 -20.75
CA TRP A 197 12.32 -5.17 -20.34
C TRP A 197 12.80 -6.58 -19.94
N ILE A 198 12.01 -7.29 -19.11
CA ILE A 198 12.23 -8.67 -18.67
C ILE A 198 12.34 -9.61 -19.86
N LEU A 199 11.41 -9.53 -20.82
CA LEU A 199 11.41 -10.36 -22.03
C LEU A 199 12.70 -10.12 -22.80
N GLY A 200 13.07 -8.83 -22.94
CA GLY A 200 14.33 -8.40 -23.56
C GLY A 200 15.53 -9.05 -22.88
N ARG A 201 15.55 -9.03 -21.51
CA ARG A 201 16.59 -9.66 -20.68
C ARG A 201 16.59 -11.20 -20.80
N MET A 202 15.40 -11.82 -20.93
CA MET A 202 15.23 -13.27 -21.12
C MET A 202 15.83 -13.70 -22.46
N LEU A 203 15.66 -12.86 -23.49
CA LEU A 203 16.18 -13.14 -24.83
C LEU A 203 17.69 -13.06 -24.80
N GLN A 204 18.23 -11.98 -24.17
CA GLN A 204 19.69 -11.78 -24.00
C GLN A 204 20.33 -12.94 -23.25
N LEU A 205 19.66 -13.48 -22.22
CA LEU A 205 20.13 -14.62 -21.43
C LEU A 205 19.98 -16.04 -22.08
N GLY A 206 19.34 -16.09 -23.27
CA GLY A 206 19.10 -17.34 -24.00
C GLY A 206 18.07 -18.23 -23.36
N TYR A 207 17.18 -17.62 -22.53
CA TYR A 207 16.07 -18.28 -21.83
C TYR A 207 14.97 -18.48 -22.84
N ILE A 208 14.66 -17.44 -23.63
CA ILE A 208 13.66 -17.53 -24.67
C ILE A 208 14.31 -17.33 -26.03
N SER A 209 13.72 -17.95 -27.08
CA SER A 209 14.15 -17.77 -28.47
C SER A 209 13.54 -16.48 -28.99
N GLN A 210 14.06 -15.96 -30.11
CA GLN A 210 13.54 -14.72 -30.70
C GLN A 210 12.09 -14.89 -31.19
N ALA A 211 11.73 -16.11 -31.67
CA ALA A 211 10.37 -16.45 -32.11
C ALA A 211 9.42 -16.29 -30.94
N GLU A 212 9.83 -16.77 -29.74
CA GLU A 212 9.09 -16.63 -28.49
C GLU A 212 9.12 -15.17 -28.04
N TYR A 213 10.24 -14.48 -28.30
CA TYR A 213 10.38 -13.07 -27.93
C TYR A 213 9.40 -12.17 -28.69
N GLN A 214 9.35 -12.30 -30.03
CA GLN A 214 8.45 -11.50 -30.87
C GLN A 214 6.97 -11.80 -30.54
N LYS A 215 6.62 -13.10 -30.31
CA LYS A 215 5.28 -13.56 -29.95
C LYS A 215 4.86 -12.87 -28.65
N ALA A 216 5.70 -12.97 -27.60
CA ALA A 216 5.43 -12.43 -26.27
C ALA A 216 5.40 -10.90 -26.18
N VAL A 217 6.45 -10.21 -26.67
CA VAL A 217 6.58 -8.75 -26.63
C VAL A 217 5.40 -7.98 -27.30
N ALA A 218 4.80 -8.57 -28.34
CA ALA A 218 3.69 -8.02 -29.12
C ALA A 218 2.33 -8.22 -28.45
N GLU A 219 2.27 -9.07 -27.40
CA GLU A 219 1.06 -9.36 -26.66
C GLU A 219 0.55 -8.18 -25.85
N PRO A 220 -0.78 -8.05 -25.71
CA PRO A 220 -1.35 -7.01 -24.84
C PRO A 220 -1.32 -7.47 -23.37
N ILE A 221 -1.84 -6.66 -22.43
CA ILE A 221 -1.88 -7.02 -21.00
C ILE A 221 -2.71 -8.29 -20.77
N ASN A 222 -3.84 -8.44 -21.52
CA ASN A 222 -4.76 -9.59 -21.55
C ASN A 222 -5.26 -10.04 -20.19
N LEU A 223 -5.61 -9.09 -19.33
CA LEU A 223 -6.13 -9.46 -18.04
C LEU A 223 -7.49 -10.12 -18.20
N ASN A 224 -7.75 -11.10 -17.36
CA ASN A 224 -9.00 -11.83 -17.27
C ASN A 224 -9.16 -12.05 -15.76
N MET A 225 -9.44 -10.97 -15.04
CA MET A 225 -9.53 -11.02 -13.60
C MET A 225 -10.83 -11.61 -13.15
N PRO A 226 -10.84 -12.80 -12.49
CA PRO A 226 -12.10 -13.37 -12.00
C PRO A 226 -12.64 -12.55 -10.81
N ASN A 227 -13.97 -12.44 -10.67
CA ASN A 227 -14.49 -11.70 -9.54
C ASN A 227 -14.56 -12.63 -8.35
N ARG A 228 -13.73 -12.32 -7.35
CA ARG A 228 -13.62 -13.10 -6.13
C ARG A 228 -14.62 -12.67 -5.03
N ASP A 229 -15.34 -11.55 -5.27
CA ASP A 229 -16.35 -11.02 -4.36
C ASP A 229 -17.72 -11.32 -4.91
N LEU A 230 -18.17 -12.60 -4.77
CA LEU A 230 -19.46 -13.12 -5.26
C LEU A 230 -20.66 -12.60 -4.45
N ASN A 231 -21.49 -11.75 -5.05
CA ASN A 231 -22.66 -11.16 -4.37
C ASN A 231 -23.68 -10.83 -5.43
N ASN A 232 -24.38 -11.87 -5.87
CA ASN A 232 -25.32 -11.85 -6.97
C ASN A 232 -26.79 -12.15 -6.57
N ILE A 233 -27.05 -12.59 -5.32
CA ILE A 233 -28.40 -13.05 -4.85
C ILE A 233 -29.24 -11.92 -4.24
N HIS A 234 -28.69 -11.27 -3.21
CA HIS A 234 -29.27 -10.15 -2.48
C HIS A 234 -28.12 -9.19 -2.25
N PRO A 235 -27.72 -8.48 -3.34
CA PRO A 235 -26.50 -7.67 -3.29
C PRO A 235 -26.33 -6.62 -2.19
N TYR A 236 -27.39 -5.93 -1.85
CA TYR A 236 -27.33 -4.92 -0.81
C TYR A 236 -27.09 -5.54 0.58
N ALA A 237 -27.61 -6.76 0.81
CA ALA A 237 -27.45 -7.53 2.03
C ALA A 237 -26.00 -8.05 2.20
N GLY A 238 -25.40 -8.57 1.12
CA GLY A 238 -24.03 -9.07 1.15
C GLY A 238 -23.04 -7.95 1.29
N GLU A 239 -23.26 -6.86 0.55
CA GLU A 239 -22.41 -5.70 0.63
C GLU A 239 -22.43 -5.05 2.00
N MET A 240 -23.59 -5.06 2.67
CA MET A 240 -23.79 -4.54 4.01
C MET A 240 -22.78 -5.19 4.98
N VAL A 241 -22.62 -6.51 4.89
CA VAL A 241 -21.68 -7.27 5.73
C VAL A 241 -20.21 -6.85 5.40
N ARG A 242 -19.82 -6.93 4.09
CA ARG A 242 -18.47 -6.58 3.67
C ARG A 242 -18.11 -5.14 4.02
N SER A 243 -18.96 -4.20 3.65
CA SER A 243 -18.73 -2.77 3.86
C SER A 243 -18.65 -2.38 5.34
N GLU A 244 -19.49 -2.98 6.19
CA GLU A 244 -19.49 -2.66 7.61
C GLU A 244 -18.29 -3.23 8.35
N LEU A 245 -17.86 -4.44 7.98
CA LEU A 245 -16.70 -5.02 8.63
C LEU A 245 -15.44 -4.27 8.25
N VAL A 246 -15.36 -3.83 6.99
CA VAL A 246 -14.22 -3.07 6.46
C VAL A 246 -14.18 -1.65 7.05
N LYS A 247 -15.35 -1.00 7.21
CA LYS A 247 -15.45 0.33 7.82
C LYS A 247 -14.87 0.31 9.24
N HIS A 248 -15.31 -0.62 10.08
CA HIS A 248 -14.87 -0.71 11.47
C HIS A 248 -13.54 -1.41 11.73
N PHE A 249 -13.15 -2.38 10.86
CA PHE A 249 -11.98 -3.21 11.15
C PHE A 249 -10.96 -3.38 10.04
N GLY A 250 -11.17 -2.75 8.89
CA GLY A 250 -10.29 -2.85 7.74
C GLY A 250 -10.34 -4.17 6.99
N GLU A 251 -9.52 -4.28 5.93
CA GLU A 251 -9.41 -5.45 5.06
C GLU A 251 -9.09 -6.79 5.73
N GLN A 252 -8.38 -6.75 6.85
CA GLN A 252 -8.08 -7.92 7.67
C GLN A 252 -9.38 -8.64 8.15
N ALA A 253 -10.54 -7.93 8.13
CA ALA A 253 -11.83 -8.49 8.51
C ALA A 253 -12.35 -9.52 7.48
N ILE A 254 -11.84 -9.44 6.23
CA ILE A 254 -12.22 -10.30 5.10
C ILE A 254 -11.26 -11.48 4.94
N ASP A 255 -10.03 -11.34 5.47
CA ASP A 255 -9.03 -12.40 5.44
C ASP A 255 -9.18 -13.45 6.56
N SER A 256 -10.15 -13.25 7.48
CA SER A 256 -10.45 -14.12 8.61
C SER A 256 -11.16 -15.48 8.29
N GLY A 257 -11.71 -15.64 7.06
CA GLY A 257 -12.38 -16.86 6.60
C GLY A 257 -13.64 -17.28 7.36
N TYR A 258 -14.16 -16.35 8.21
CA TYR A 258 -15.35 -16.49 9.04
C TYR A 258 -16.65 -16.72 8.24
N LYS A 259 -17.65 -17.31 8.91
CA LYS A 259 -18.97 -17.50 8.35
C LYS A 259 -19.87 -16.56 9.16
N VAL A 260 -20.44 -15.57 8.48
CA VAL A 260 -21.35 -14.59 9.08
C VAL A 260 -22.78 -14.99 8.75
N TYR A 261 -23.51 -15.28 9.81
CA TYR A 261 -24.94 -15.65 9.79
C TYR A 261 -25.74 -14.42 10.16
N THR A 262 -26.34 -13.81 9.13
CA THR A 262 -27.12 -12.58 9.24
C THR A 262 -28.54 -12.81 9.76
N THR A 263 -29.25 -11.69 10.03
CA THR A 263 -30.63 -11.59 10.51
C THR A 263 -31.61 -11.45 9.31
N ILE A 264 -31.05 -11.34 8.08
CA ILE A 264 -31.83 -11.17 6.87
C ILE A 264 -32.74 -12.35 6.57
N ASN A 265 -34.00 -12.04 6.27
CA ASN A 265 -34.99 -12.98 5.81
C ASN A 265 -34.90 -12.89 4.29
N ALA A 266 -34.55 -14.00 3.62
CA ALA A 266 -34.41 -13.98 2.17
C ALA A 266 -35.70 -13.70 1.42
N LYS A 267 -36.83 -14.28 1.88
CA LYS A 267 -38.14 -14.09 1.26
C LYS A 267 -38.48 -12.60 1.28
N ARG A 268 -38.37 -11.99 2.49
CA ARG A 268 -38.62 -10.58 2.70
C ARG A 268 -37.66 -9.71 1.91
N GLN A 269 -36.37 -10.12 1.82
CA GLN A 269 -35.36 -9.39 1.06
C GLN A 269 -35.71 -9.33 -0.42
N ALA A 270 -36.18 -10.43 -1.01
CA ALA A 270 -36.59 -10.51 -2.43
C ALA A 270 -37.78 -9.62 -2.74
N ILE A 271 -38.77 -9.59 -1.83
CA ILE A 271 -40.00 -8.77 -1.92
C ILE A 271 -39.61 -7.28 -1.98
N ALA A 272 -38.75 -6.85 -1.04
CA ALA A 272 -38.25 -5.49 -0.89
C ALA A 272 -37.53 -5.05 -2.15
N GLU A 273 -36.65 -5.93 -2.69
CA GLU A 273 -35.90 -5.68 -3.94
C GLU A 273 -36.88 -5.37 -5.10
N LYS A 274 -37.92 -6.21 -5.27
CA LYS A 274 -38.93 -6.01 -6.32
C LYS A 274 -39.75 -4.75 -6.09
N ALA A 275 -40.17 -4.51 -4.83
CA ALA A 275 -40.99 -3.36 -4.41
C ALA A 275 -40.31 -2.02 -4.72
N VAL A 276 -39.03 -1.91 -4.36
CA VAL A 276 -38.26 -0.69 -4.59
C VAL A 276 -38.09 -0.48 -6.10
N GLN A 277 -37.77 -1.55 -6.87
CA GLN A 277 -37.64 -1.47 -8.32
C GLN A 277 -38.95 -1.05 -8.99
N ASP A 278 -40.07 -1.70 -8.67
CA ASP A 278 -41.38 -1.38 -9.27
C ASP A 278 -41.90 0.01 -8.97
N GLY A 279 -41.73 0.44 -7.71
CA GLY A 279 -42.20 1.73 -7.21
C GLY A 279 -41.50 2.91 -7.83
N LEU A 280 -40.21 2.74 -8.12
CA LEU A 280 -39.37 3.74 -8.74
C LEU A 280 -39.65 3.78 -10.23
N GLU A 281 -39.85 2.59 -10.86
CA GLU A 281 -40.26 2.45 -12.26
C GLU A 281 -41.65 3.11 -12.44
N ALA A 282 -42.54 2.99 -11.43
CA ALA A 282 -43.88 3.62 -11.42
C ALA A 282 -43.77 5.14 -11.49
N TYR A 283 -42.92 5.71 -10.62
CA TYR A 283 -42.70 7.16 -10.54
C TYR A 283 -42.10 7.67 -11.85
N ASP A 284 -41.02 6.99 -12.29
CA ASP A 284 -40.30 7.29 -13.51
C ASP A 284 -41.27 7.31 -14.72
N ARG A 285 -42.03 6.20 -14.96
CA ARG A 285 -43.00 6.10 -16.06
C ARG A 285 -43.97 7.24 -16.08
N ARG A 286 -44.53 7.63 -14.91
CA ARG A 286 -45.46 8.76 -14.85
C ARG A 286 -44.85 10.15 -15.17
N HIS A 287 -43.53 10.33 -14.97
CA HIS A 287 -42.90 11.62 -15.29
C HIS A 287 -42.36 11.73 -16.71
N GLY A 288 -42.47 10.65 -17.48
CA GLY A 288 -42.11 10.59 -18.89
C GLY A 288 -40.70 10.23 -19.28
N TRP A 289 -40.51 10.04 -20.62
CA TRP A 289 -39.26 9.74 -21.30
C TRP A 289 -38.32 10.94 -21.21
N ARG A 290 -37.07 10.71 -20.75
CA ARG A 290 -36.04 11.73 -20.56
C ARG A 290 -34.96 11.67 -21.63
N GLY A 291 -35.13 10.77 -22.60
CA GLY A 291 -34.15 10.55 -23.65
C GLY A 291 -33.23 9.40 -23.28
N ALA A 292 -32.37 8.99 -24.21
CA ALA A 292 -31.41 7.88 -24.03
C ALA A 292 -30.37 8.22 -22.96
N GLU A 293 -29.83 7.19 -22.26
CA GLU A 293 -28.84 7.44 -21.21
C GLU A 293 -27.49 8.00 -21.70
N ALA A 294 -27.22 7.84 -23.02
CA ALA A 294 -26.02 8.33 -23.69
C ALA A 294 -26.25 8.32 -25.22
N HIS A 295 -25.41 9.06 -25.95
CA HIS A 295 -25.44 9.12 -27.41
C HIS A 295 -24.00 9.15 -27.88
N ASP A 296 -23.66 8.35 -28.90
CA ASP A 296 -22.30 8.24 -29.42
C ASP A 296 -21.33 7.85 -28.33
N LYS A 297 -21.73 6.90 -27.47
CA LYS A 297 -20.87 6.37 -26.41
C LYS A 297 -20.69 4.84 -26.57
N PRO A 298 -19.62 4.18 -26.07
CA PRO A 298 -19.43 2.75 -26.40
C PRO A 298 -20.25 1.79 -25.56
N LEU A 299 -20.96 0.86 -26.25
CA LEU A 299 -21.86 -0.16 -25.67
C LEU A 299 -21.20 -1.09 -24.62
N SER A 300 -19.86 -1.25 -24.68
CA SER A 300 -19.06 -2.05 -23.76
C SER A 300 -19.01 -1.44 -22.36
N GLU A 301 -19.22 -0.10 -22.29
CA GLU A 301 -19.16 0.70 -21.06
C GLU A 301 -20.44 0.73 -20.24
N PHE A 302 -21.48 -0.01 -20.64
CA PHE A 302 -22.75 -0.06 -19.92
C PHE A 302 -23.07 -1.46 -19.42
N ARG A 303 -23.55 -1.61 -18.17
CA ARG A 303 -23.89 -2.93 -17.61
C ARG A 303 -25.38 -3.19 -17.67
N ALA A 304 -25.79 -4.47 -17.72
CA ALA A 304 -27.20 -4.87 -17.65
C ALA A 304 -27.55 -5.09 -16.15
N TYR A 305 -28.80 -4.79 -15.74
CA TYR A 305 -29.26 -4.93 -14.35
C TYR A 305 -30.72 -4.59 -14.20
N ALA A 306 -31.36 -5.03 -13.10
CA ALA A 306 -32.80 -4.79 -12.81
C ALA A 306 -33.68 -5.11 -14.01
N ASN A 307 -33.31 -6.18 -14.76
CA ASN A 307 -34.00 -6.67 -15.96
C ASN A 307 -34.09 -5.59 -17.05
N THR A 308 -32.96 -4.88 -17.25
CA THR A 308 -32.74 -3.84 -18.26
C THR A 308 -31.39 -4.13 -18.90
N TYR A 309 -31.39 -4.13 -20.22
CA TYR A 309 -30.25 -4.50 -21.04
C TYR A 309 -29.89 -3.40 -22.04
N PRO A 310 -28.65 -2.85 -21.92
CA PRO A 310 -28.18 -1.81 -22.86
C PRO A 310 -28.20 -2.23 -24.32
N ALA A 311 -28.71 -1.31 -25.14
CA ALA A 311 -28.84 -1.49 -26.58
C ALA A 311 -28.47 -0.20 -27.31
N GLN A 312 -27.69 -0.33 -28.40
CA GLN A 312 -27.32 0.81 -29.25
C GLN A 312 -28.27 0.81 -30.43
N VAL A 313 -29.13 1.86 -30.55
CA VAL A 313 -30.12 2.03 -31.62
C VAL A 313 -29.38 2.10 -32.97
N THR A 314 -29.79 1.24 -33.93
CA THR A 314 -29.14 1.15 -35.24
C THR A 314 -29.99 1.69 -36.40
N LYS A 315 -31.32 1.65 -36.28
CA LYS A 315 -32.25 2.13 -37.32
C LYS A 315 -33.54 2.58 -36.67
N VAL A 316 -34.10 3.71 -37.16
CA VAL A 316 -35.36 4.29 -36.67
C VAL A 316 -36.39 4.34 -37.83
N ASN A 317 -37.55 3.68 -37.67
CA ASN A 317 -38.61 3.65 -38.70
C ASN A 317 -39.93 4.36 -38.26
N SER A 318 -40.97 4.30 -39.11
CA SER A 318 -42.27 4.95 -38.86
C SER A 318 -42.96 4.61 -37.53
N SER A 319 -42.83 3.35 -37.07
CA SER A 319 -43.46 2.88 -35.83
C SER A 319 -42.55 1.98 -34.97
N SER A 320 -41.37 1.61 -35.49
CA SER A 320 -40.45 0.71 -34.77
C SER A 320 -38.98 1.07 -34.92
N PHE A 321 -38.15 0.76 -33.88
CA PHE A 321 -36.71 0.96 -33.96
C PHE A 321 -35.94 -0.35 -33.84
N GLU A 322 -34.67 -0.33 -34.27
CA GLU A 322 -33.80 -1.48 -34.22
C GLU A 322 -32.58 -1.12 -33.43
N ALA A 323 -32.23 -1.96 -32.46
CA ALA A 323 -31.07 -1.74 -31.61
C ALA A 323 -30.17 -2.99 -31.53
N LEU A 324 -28.85 -2.75 -31.37
CA LEU A 324 -27.81 -3.75 -31.21
C LEU A 324 -27.60 -4.07 -29.73
N MET A 325 -27.71 -5.35 -29.35
CA MET A 325 -27.56 -5.80 -27.97
C MET A 325 -26.11 -6.12 -27.69
N GLN A 326 -25.74 -6.23 -26.42
CA GLN A 326 -24.38 -6.55 -25.97
C GLN A 326 -23.90 -7.95 -26.37
N ASP A 327 -24.85 -8.86 -26.68
CA ASP A 327 -24.56 -10.22 -27.13
C ASP A 327 -24.25 -10.28 -28.65
N GLY A 328 -24.57 -9.19 -29.36
CA GLY A 328 -24.34 -9.07 -30.79
C GLY A 328 -25.58 -9.10 -31.63
N SER A 329 -26.70 -9.52 -31.04
CA SER A 329 -27.98 -9.63 -31.74
C SER A 329 -28.68 -8.27 -31.90
N THR A 330 -29.50 -8.17 -32.93
CA THR A 330 -30.32 -6.98 -33.23
C THR A 330 -31.80 -7.32 -33.08
N VAL A 331 -32.56 -6.53 -32.32
CA VAL A 331 -34.01 -6.74 -32.14
C VAL A 331 -34.86 -5.59 -32.66
N THR A 332 -36.14 -5.86 -32.93
CA THR A 332 -37.06 -4.83 -33.40
C THR A 332 -38.14 -4.46 -32.33
N VAL A 333 -37.90 -3.36 -31.59
CA VAL A 333 -38.84 -2.83 -30.59
C VAL A 333 -40.01 -2.22 -31.36
N GLN A 334 -41.21 -2.81 -31.26
CA GLN A 334 -42.44 -2.35 -31.94
C GLN A 334 -43.07 -1.16 -31.23
N TRP A 335 -44.05 -0.49 -31.88
CA TRP A 335 -44.75 0.68 -31.38
C TRP A 335 -45.23 0.59 -29.94
N SER A 336 -45.97 -0.49 -29.59
CA SER A 336 -46.50 -0.74 -28.24
C SER A 336 -45.40 -0.76 -27.14
N GLY A 337 -44.15 -1.01 -27.54
CA GLY A 337 -43.01 -1.04 -26.64
C GLY A 337 -42.39 0.31 -26.34
N MET A 338 -42.74 1.36 -27.12
CA MET A 338 -42.22 2.72 -26.97
C MET A 338 -43.29 3.81 -26.87
N SER A 339 -44.57 3.49 -27.20
CA SER A 339 -45.69 4.45 -27.21
C SER A 339 -45.95 5.22 -25.91
N TRP A 340 -45.47 4.70 -24.75
CA TRP A 340 -45.60 5.29 -23.40
C TRP A 340 -44.74 6.56 -23.28
N ALA A 341 -43.68 6.64 -24.11
CA ALA A 341 -42.67 7.71 -24.10
C ALA A 341 -43.14 9.15 -24.38
N ARG A 342 -44.08 9.65 -23.54
CA ARG A 342 -44.55 11.04 -23.54
C ARG A 342 -43.32 11.81 -23.02
N PRO A 343 -42.78 12.79 -23.78
CA PRO A 343 -41.52 13.42 -23.37
C PRO A 343 -41.56 14.18 -22.06
N TYR A 344 -40.51 14.04 -21.26
CA TYR A 344 -40.38 14.71 -19.98
C TYR A 344 -40.14 16.21 -20.24
N ARG A 345 -40.99 17.10 -19.70
CA ARG A 345 -40.83 18.56 -19.85
C ARG A 345 -40.27 19.19 -18.58
N ASN A 346 -40.75 18.74 -17.42
CA ASN A 346 -40.28 19.04 -16.06
C ASN A 346 -40.97 18.09 -15.09
N ALA A 347 -40.77 18.23 -13.76
CA ALA A 347 -41.40 17.32 -12.78
C ALA A 347 -42.94 17.36 -12.90
N ASN A 348 -43.49 18.56 -13.12
CA ASN A 348 -44.92 18.82 -13.23
C ASN A 348 -45.47 18.84 -14.68
N SER A 349 -44.61 18.59 -15.67
CA SER A 349 -45.05 18.62 -17.07
C SER A 349 -44.43 17.53 -17.94
N VAL A 350 -45.28 16.90 -18.76
CA VAL A 350 -44.91 15.90 -19.76
C VAL A 350 -45.56 16.26 -21.09
N GLY A 351 -44.84 15.99 -22.17
CA GLY A 351 -45.28 16.28 -23.52
C GLY A 351 -46.34 15.31 -24.01
N ALA A 352 -46.89 15.62 -25.18
CA ALA A 352 -47.92 14.83 -25.85
C ALA A 352 -47.42 13.43 -26.15
N ALA A 353 -48.33 12.45 -26.27
CA ALA A 353 -48.00 11.08 -26.61
C ALA A 353 -47.19 11.07 -27.92
N PRO A 354 -46.07 10.31 -28.00
CA PRO A 354 -45.27 10.33 -29.23
C PRO A 354 -46.07 9.81 -30.43
N SER A 355 -45.90 10.46 -31.60
CA SER A 355 -46.59 10.11 -32.83
C SER A 355 -45.77 9.24 -33.79
N ARG A 356 -44.43 9.25 -33.65
CA ARG A 356 -43.51 8.44 -34.47
C ARG A 356 -42.24 8.10 -33.67
N ALA A 357 -41.50 7.04 -34.08
CA ALA A 357 -40.30 6.58 -33.37
C ALA A 357 -39.11 7.54 -33.39
N SER A 358 -39.06 8.48 -34.37
CA SER A 358 -37.98 9.48 -34.49
C SER A 358 -38.03 10.52 -33.39
N GLN A 359 -39.23 10.73 -32.82
CA GLN A 359 -39.47 11.66 -31.71
C GLN A 359 -38.93 11.08 -30.39
N ILE A 360 -38.77 9.74 -30.31
CA ILE A 360 -38.29 9.02 -29.13
C ILE A 360 -36.78 8.74 -29.21
N VAL A 361 -36.31 8.12 -30.30
CA VAL A 361 -34.90 7.74 -30.47
C VAL A 361 -34.22 8.27 -31.74
N LYS A 362 -32.88 8.44 -31.63
CA LYS A 362 -31.93 8.85 -32.67
C LYS A 362 -31.03 7.63 -32.91
N VAL A 363 -30.50 7.47 -34.14
CA VAL A 363 -29.58 6.37 -34.44
C VAL A 363 -28.26 6.66 -33.66
N LYS A 364 -27.72 5.63 -32.97
CA LYS A 364 -26.51 5.67 -32.12
C LYS A 364 -26.78 6.08 -30.67
N ASP A 365 -28.06 5.97 -30.26
CA ASP A 365 -28.55 6.26 -28.90
C ASP A 365 -28.37 5.01 -28.03
N ILE A 366 -27.85 5.19 -26.80
CA ILE A 366 -27.70 4.09 -25.84
C ILE A 366 -28.97 4.04 -24.97
N VAL A 367 -29.89 3.11 -25.32
CA VAL A 367 -31.16 2.88 -24.64
C VAL A 367 -31.13 1.58 -23.80
N ARG A 368 -32.14 1.39 -22.95
CA ARG A 368 -32.30 0.19 -22.13
C ARG A 368 -33.56 -0.53 -22.51
N LEU A 369 -33.43 -1.84 -22.74
CA LEU A 369 -34.55 -2.67 -23.17
C LEU A 369 -34.95 -3.74 -22.15
N ARG A 370 -36.20 -4.18 -22.24
CA ARG A 370 -36.67 -5.20 -21.33
C ARG A 370 -37.38 -6.27 -22.08
N PRO A 371 -37.06 -7.54 -21.73
CA PRO A 371 -37.75 -8.67 -22.34
C PRO A 371 -39.16 -8.84 -21.74
N ASN A 372 -39.71 -10.06 -21.82
CA ASN A 372 -41.03 -10.42 -21.26
C ASN A 372 -40.77 -11.55 -20.23
N GLU A 373 -41.52 -12.67 -20.31
CA GLU A 373 -41.32 -13.82 -19.43
C GLU A 373 -40.07 -14.55 -19.94
N ALA A 374 -40.18 -15.18 -21.15
CA ALA A 374 -39.11 -15.93 -21.81
C ALA A 374 -38.34 -15.09 -22.84
N LYS A 375 -39.08 -14.46 -23.79
CA LYS A 375 -38.57 -13.60 -24.87
C LYS A 375 -39.77 -12.99 -25.59
N THR A 376 -40.10 -13.50 -26.81
CA THR A 376 -41.20 -13.11 -27.72
C THR A 376 -41.04 -11.67 -28.25
N ALA A 377 -41.35 -10.66 -27.39
CA ALA A 377 -41.26 -9.22 -27.67
C ALA A 377 -40.30 -8.50 -26.69
N TRP A 378 -39.88 -7.26 -27.05
CA TRP A 378 -39.02 -6.38 -26.25
C TRP A 378 -39.71 -5.03 -26.02
N SER A 379 -39.25 -4.30 -24.98
CA SER A 379 -39.80 -3.03 -24.56
C SER A 379 -38.71 -2.00 -24.32
N LEU A 380 -39.02 -0.74 -24.62
CA LEU A 380 -38.12 0.37 -24.34
C LEU A 380 -38.48 0.74 -22.91
N VAL A 381 -37.49 0.69 -22.03
CA VAL A 381 -37.69 1.03 -20.61
C VAL A 381 -36.74 2.16 -20.24
N GLN A 382 -36.78 2.56 -18.98
CA GLN A 382 -35.94 3.65 -18.52
C GLN A 382 -35.48 3.45 -17.07
N VAL A 383 -34.19 3.63 -16.83
CA VAL A 383 -33.65 3.52 -15.50
C VAL A 383 -33.97 4.82 -14.79
N PRO A 384 -34.68 4.73 -13.65
CA PRO A 384 -34.99 5.95 -12.91
C PRO A 384 -33.75 6.77 -12.54
N LYS A 385 -33.85 8.11 -12.67
CA LYS A 385 -32.85 9.09 -12.22
C LYS A 385 -33.16 9.24 -10.71
N VAL A 386 -34.43 8.96 -10.33
CA VAL A 386 -34.93 8.99 -8.96
C VAL A 386 -34.40 7.77 -8.20
N GLN A 387 -34.23 7.93 -6.88
CA GLN A 387 -33.78 6.84 -6.02
C GLN A 387 -34.78 6.52 -4.94
N GLY A 388 -34.52 5.42 -4.25
CA GLY A 388 -35.34 4.96 -3.14
C GLY A 388 -34.58 4.03 -2.23
N GLN A 389 -35.21 3.65 -1.13
CA GLN A 389 -34.66 2.70 -0.16
C GLN A 389 -35.79 2.04 0.63
N LEU A 390 -35.49 0.88 1.23
CA LEU A 390 -36.36 0.16 2.14
C LEU A 390 -35.51 -0.45 3.23
N ILE A 391 -35.95 -0.28 4.47
CA ILE A 391 -35.31 -0.87 5.63
C ILE A 391 -36.42 -1.42 6.50
N ALA A 392 -36.38 -2.73 6.80
CA ALA A 392 -37.33 -3.46 7.65
C ALA A 392 -36.58 -4.10 8.80
N ILE A 393 -37.04 -3.83 10.03
CA ILE A 393 -36.38 -4.33 11.25
C ILE A 393 -37.38 -4.92 12.22
N ASN A 394 -36.95 -5.93 13.03
CA ASN A 394 -37.86 -6.49 14.04
C ASN A 394 -37.87 -5.54 15.26
N PRO A 395 -39.02 -4.93 15.63
CA PRO A 395 -39.03 -3.95 16.75
C PRO A 395 -38.67 -4.43 18.16
N ASN A 396 -38.66 -5.75 18.40
CA ASN A 396 -38.35 -6.30 19.73
C ASN A 396 -36.87 -6.39 20.03
N ASP A 397 -36.03 -6.60 19.00
CA ASP A 397 -34.57 -6.77 19.17
C ASP A 397 -33.71 -5.85 18.30
N GLY A 398 -34.31 -5.32 17.23
CA GLY A 398 -33.65 -4.47 16.25
C GLY A 398 -33.05 -5.22 15.07
N SER A 399 -33.39 -6.52 14.90
CA SER A 399 -32.88 -7.35 13.81
C SER A 399 -33.22 -6.79 12.45
N ILE A 400 -32.23 -6.71 11.57
CA ILE A 400 -32.47 -6.23 10.20
C ILE A 400 -32.93 -7.40 9.32
N GLU A 401 -34.23 -7.36 8.90
CA GLU A 401 -34.87 -8.38 8.06
C GLU A 401 -34.72 -8.15 6.55
N ALA A 402 -34.70 -6.90 6.11
CA ALA A 402 -34.63 -6.53 4.69
C ALA A 402 -33.99 -5.16 4.61
N ILE A 403 -33.16 -5.00 3.57
CA ILE A 403 -32.40 -3.79 3.30
C ILE A 403 -32.19 -3.64 1.79
N VAL A 404 -32.66 -2.53 1.21
CA VAL A 404 -32.52 -2.16 -0.21
C VAL A 404 -32.04 -0.69 -0.21
N GLY A 405 -30.80 -0.45 -0.67
CA GLY A 405 -30.13 0.85 -0.64
C GLY A 405 -30.28 1.79 -1.83
N GLY A 406 -31.00 1.35 -2.85
CA GLY A 406 -31.24 2.14 -4.05
C GLY A 406 -32.00 1.31 -5.07
N TYR A 407 -32.19 1.86 -6.29
CA TYR A 407 -32.90 1.17 -7.36
C TYR A 407 -32.28 -0.20 -7.67
N ASN A 408 -30.93 -0.24 -7.75
CA ASN A 408 -30.17 -1.44 -8.03
C ASN A 408 -28.72 -1.23 -7.63
N PHE A 409 -28.13 -2.25 -7.02
CA PHE A 409 -26.75 -2.32 -6.56
C PHE A 409 -25.70 -2.12 -7.68
N TYR A 410 -25.99 -2.56 -8.90
CA TYR A 410 -25.08 -2.39 -10.00
C TYR A 410 -25.09 -0.96 -10.51
N GLN A 411 -26.22 -0.27 -10.41
CA GLN A 411 -26.36 1.12 -10.85
C GLN A 411 -25.56 1.98 -9.90
N SER A 412 -25.71 1.73 -8.59
CA SER A 412 -25.01 2.44 -7.52
C SER A 412 -24.80 1.47 -6.34
N LYS A 413 -23.53 1.29 -5.90
CA LYS A 413 -23.23 0.43 -4.76
C LYS A 413 -23.52 1.12 -3.42
N PHE A 414 -23.98 2.38 -3.48
CA PHE A 414 -24.34 3.24 -2.37
C PHE A 414 -25.60 2.74 -1.69
N ASN A 415 -25.55 2.61 -0.36
CA ASN A 415 -26.67 2.11 0.42
C ASN A 415 -27.31 3.26 1.14
N ARG A 416 -28.41 3.74 0.58
CA ARG A 416 -29.14 4.88 1.10
C ARG A 416 -29.83 4.62 2.44
N ALA A 417 -30.02 3.35 2.83
CA ALA A 417 -30.65 2.95 4.08
C ALA A 417 -29.71 3.20 5.25
N LEU A 418 -28.40 2.97 5.05
CA LEU A 418 -27.38 3.15 6.08
C LEU A 418 -26.53 4.41 5.91
N GLN A 419 -26.52 5.00 4.71
CA GLN A 419 -25.65 6.15 4.41
C GLN A 419 -26.34 7.39 3.85
N GLY A 420 -27.59 7.23 3.38
CA GLY A 420 -28.37 8.30 2.75
C GLY A 420 -28.98 9.27 3.70
N TRP A 421 -28.22 10.31 4.08
CA TRP A 421 -28.64 11.38 4.98
C TRP A 421 -29.62 12.29 4.25
N ARG A 422 -30.86 12.34 4.74
CA ARG A 422 -31.94 13.12 4.15
C ARG A 422 -32.76 13.78 5.22
N GLN A 423 -33.55 14.79 4.83
CA GLN A 423 -34.43 15.44 5.78
C GLN A 423 -35.65 14.52 5.95
N PRO A 424 -36.04 14.15 7.19
CA PRO A 424 -37.20 13.27 7.35
C PRO A 424 -38.55 13.97 7.06
N GLY A 425 -38.53 15.30 7.09
CA GLY A 425 -39.71 16.13 6.89
C GLY A 425 -40.71 15.94 8.01
N SER A 426 -41.88 15.45 7.65
CA SER A 426 -43.03 15.19 8.53
C SER A 426 -42.97 13.87 9.27
N THR A 427 -42.12 12.92 8.81
CA THR A 427 -41.96 11.60 9.44
C THR A 427 -41.36 11.69 10.83
N ILE A 428 -40.92 12.90 11.25
CA ILE A 428 -40.36 13.15 12.57
C ILE A 428 -41.42 13.49 13.62
N LYS A 429 -42.51 14.11 13.19
CA LYS A 429 -43.64 14.56 14.03
C LYS A 429 -44.14 13.55 15.05
N PRO A 430 -44.39 12.24 14.71
CA PRO A 430 -44.82 11.29 15.73
C PRO A 430 -43.90 11.19 16.95
N PHE A 431 -42.60 11.49 16.82
CA PHE A 431 -41.69 11.45 17.98
C PHE A 431 -41.92 12.64 18.87
N LEU A 432 -42.03 13.84 18.25
CA LEU A 432 -42.28 15.11 18.93
C LEU A 432 -43.68 15.13 19.60
N TYR A 433 -44.71 14.56 18.91
CA TYR A 433 -46.07 14.48 19.44
C TYR A 433 -46.18 13.45 20.55
N ALA A 434 -45.31 12.43 20.55
CA ALA A 434 -45.24 11.44 21.63
C ALA A 434 -44.78 12.11 22.91
N LEU A 435 -43.80 12.98 22.78
CA LEU A 435 -43.20 13.75 23.86
C LEU A 435 -44.17 14.73 24.49
N ALA A 436 -45.13 15.26 23.69
CA ALA A 436 -46.23 16.14 24.09
C ALA A 436 -47.19 15.31 24.94
N LEU A 437 -47.47 14.08 24.50
CA LEU A 437 -48.32 13.14 25.21
C LEU A 437 -47.69 12.77 26.56
N GLU A 438 -46.36 12.65 26.59
CA GLU A 438 -45.59 12.33 27.79
C GLU A 438 -45.67 13.45 28.83
N ARG A 439 -45.82 14.70 28.37
CA ARG A 439 -45.93 15.90 29.21
C ARG A 439 -47.33 16.01 29.86
N GLY A 440 -48.28 15.18 29.42
CA GLY A 440 -49.65 15.11 29.93
C GLY A 440 -50.78 15.18 28.91
N MET A 441 -50.45 15.53 27.64
CA MET A 441 -51.44 15.66 26.58
C MET A 441 -52.08 14.34 26.13
N THR A 442 -53.16 14.45 25.33
CA THR A 442 -53.93 13.33 24.82
C THR A 442 -54.14 13.52 23.30
N PRO A 443 -54.60 12.50 22.52
CA PRO A 443 -54.87 12.73 21.09
C PRO A 443 -55.99 13.75 20.86
N TYR A 444 -56.82 13.95 21.89
CA TYR A 444 -57.97 14.84 21.86
C TYR A 444 -57.66 16.25 22.34
N SER A 445 -56.52 16.45 23.06
CA SER A 445 -56.07 17.76 23.54
C SER A 445 -56.07 18.80 22.40
N MET A 446 -56.57 20.00 22.71
CA MET A 446 -56.68 21.09 21.73
C MET A 446 -55.38 21.83 21.59
N VAL A 447 -54.84 21.79 20.36
CA VAL A 447 -53.57 22.45 19.97
C VAL A 447 -53.90 23.59 18.97
N ASN A 448 -53.05 24.64 18.88
CA ASN A 448 -53.43 25.75 17.98
C ASN A 448 -52.61 25.98 16.74
N ASP A 449 -53.31 25.81 15.63
CA ASP A 449 -52.77 26.01 14.30
C ASP A 449 -52.99 27.50 13.99
N SER A 450 -51.96 28.31 14.26
CA SER A 450 -51.96 29.76 14.06
C SER A 450 -50.57 30.19 13.50
N PRO A 451 -50.43 31.42 12.92
CA PRO A 451 -49.10 31.83 12.44
C PRO A 451 -48.12 32.04 13.58
N ILE A 452 -46.93 31.46 13.42
CA ILE A 452 -45.88 31.55 14.42
C ILE A 452 -44.67 32.39 13.98
N THR A 453 -44.68 33.68 14.37
CA THR A 453 -43.61 34.65 14.09
C THR A 453 -42.44 34.38 15.04
N ILE A 454 -42.76 33.91 16.27
CA ILE A 454 -41.84 33.58 17.38
C ILE A 454 -40.57 32.84 16.92
N GLY A 455 -39.44 33.50 17.17
CA GLY A 455 -38.13 33.03 16.75
C GLY A 455 -37.70 33.80 15.51
N LYS A 456 -38.36 34.96 15.27
CA LYS A 456 -38.17 35.89 14.13
C LYS A 456 -37.83 35.16 12.80
N TRP A 457 -38.52 34.03 12.64
CA TRP A 457 -38.55 33.05 11.55
C TRP A 457 -40.00 32.57 11.57
N THR A 458 -40.71 32.73 10.46
CA THR A 458 -42.12 32.39 10.37
C THR A 458 -42.33 31.11 9.51
N PRO A 459 -42.41 29.90 10.14
CA PRO A 459 -42.67 28.70 9.32
C PRO A 459 -44.10 28.67 8.79
N LYS A 460 -44.26 28.22 7.53
CA LYS A 460 -45.57 28.15 6.90
C LYS A 460 -45.99 26.70 6.61
N ASN A 461 -47.30 26.42 6.82
CA ASN A 461 -47.91 25.11 6.58
C ASN A 461 -47.97 24.79 5.09
N SER A 462 -47.98 23.49 4.76
CA SER A 462 -48.01 22.93 3.40
C SER A 462 -48.90 23.67 2.39
N ASP A 463 -50.17 23.93 2.77
CA ASP A 463 -51.18 24.61 1.96
C ASP A 463 -51.22 26.13 2.20
N GLY A 464 -50.25 26.63 2.95
CA GLY A 464 -50.14 28.05 3.31
C GLY A 464 -51.35 28.55 4.09
N ARG A 465 -52.05 27.61 4.76
CA ARG A 465 -53.26 27.91 5.52
C ARG A 465 -53.09 27.59 7.01
N TYR A 466 -54.06 28.00 7.83
CA TYR A 466 -54.13 27.73 9.26
C TYR A 466 -55.50 27.13 9.56
N LEU A 467 -55.72 26.56 10.74
CA LEU A 467 -57.01 25.92 11.01
C LEU A 467 -57.59 26.32 12.36
N GLY A 468 -56.75 26.92 13.21
CA GLY A 468 -57.12 27.31 14.57
C GLY A 468 -56.99 26.16 15.54
N MET A 469 -57.86 26.12 16.55
CA MET A 469 -57.86 25.06 17.54
C MET A 469 -58.35 23.74 16.92
N ILE A 470 -57.51 22.70 17.00
CA ILE A 470 -57.76 21.35 16.47
C ILE A 470 -57.18 20.30 17.44
N PRO A 471 -57.75 19.07 17.56
CA PRO A 471 -57.15 18.09 18.48
C PRO A 471 -55.78 17.62 17.97
N LEU A 472 -54.89 17.23 18.91
CA LEU A 472 -53.54 16.77 18.68
C LEU A 472 -53.43 15.75 17.55
N ARG A 473 -54.39 14.82 17.50
CA ARG A 473 -54.39 13.77 16.48
C ARG A 473 -54.59 14.32 15.07
N ARG A 474 -55.45 15.35 14.90
CA ARG A 474 -55.73 15.99 13.60
C ARG A 474 -54.47 16.69 13.10
N ALA A 475 -53.81 17.41 14.03
CA ALA A 475 -52.56 18.17 13.83
C ALA A 475 -51.45 17.30 13.29
N LEU A 476 -51.36 16.07 13.82
CA LEU A 476 -50.37 15.11 13.42
C LEU A 476 -50.71 14.60 12.05
N TYR A 477 -51.97 14.18 11.83
CA TYR A 477 -52.40 13.69 10.53
C TYR A 477 -52.18 14.68 9.39
N LEU A 478 -52.58 15.95 9.55
CA LEU A 478 -52.40 16.94 8.49
C LEU A 478 -50.98 17.53 8.42
N SER A 479 -50.14 17.14 9.39
CA SER A 479 -48.75 17.57 9.56
C SER A 479 -48.63 19.11 9.58
N ARG A 480 -49.36 19.71 10.54
CA ARG A 480 -49.40 21.17 10.71
C ARG A 480 -48.13 21.62 11.38
N ASN A 481 -47.22 22.21 10.58
CA ASN A 481 -45.90 22.71 10.96
C ASN A 481 -45.90 23.68 12.13
N THR A 482 -46.95 24.54 12.23
CA THR A 482 -47.09 25.54 13.28
C THR A 482 -47.39 24.92 14.65
N VAL A 483 -48.12 23.80 14.66
CA VAL A 483 -48.42 23.10 15.91
C VAL A 483 -47.16 22.38 16.41
N SER A 484 -46.36 21.86 15.48
CA SER A 484 -45.11 21.18 15.78
C SER A 484 -44.14 22.12 16.51
N VAL A 485 -43.94 23.34 16.00
CA VAL A 485 -43.06 24.36 16.60
C VAL A 485 -43.59 24.77 17.99
N ARG A 486 -44.94 24.83 18.13
CA ARG A 486 -45.62 25.13 19.37
C ARG A 486 -45.44 24.01 20.40
N LEU A 487 -45.52 22.75 19.95
CA LEU A 487 -45.29 21.57 20.77
C LEU A 487 -43.80 21.46 21.14
N LEU A 488 -42.88 21.91 20.24
CA LEU A 488 -41.44 21.91 20.47
C LEU A 488 -41.08 22.93 21.56
N GLN A 489 -41.75 24.10 21.55
CA GLN A 489 -41.61 25.15 22.57
C GLN A 489 -42.12 24.62 23.93
N THR A 490 -43.23 23.85 23.90
CA THR A 490 -43.87 23.26 25.08
C THR A 490 -43.05 22.11 25.69
N VAL A 491 -42.52 21.21 24.82
CA VAL A 491 -41.73 20.02 25.14
C VAL A 491 -40.27 20.35 25.52
N GLY A 492 -39.71 21.37 24.88
CA GLY A 492 -38.32 21.80 25.06
C GLY A 492 -37.41 21.12 24.06
N ILE A 493 -36.55 21.92 23.40
CA ILE A 493 -35.59 21.47 22.38
C ILE A 493 -34.63 20.35 22.87
N GLU A 494 -34.28 20.35 24.19
CA GLU A 494 -33.41 19.37 24.88
C GLU A 494 -33.97 17.94 24.87
N ARG A 495 -35.22 17.77 25.33
CA ARG A 495 -35.93 16.50 25.40
C ARG A 495 -36.07 15.83 24.01
N THR A 496 -36.37 16.64 22.98
CA THR A 496 -36.52 16.25 21.58
C THR A 496 -35.18 15.65 21.10
N ARG A 497 -34.09 16.40 21.29
CA ARG A 497 -32.73 16.00 20.92
C ARG A 497 -32.28 14.69 21.64
N GLN A 498 -32.76 14.46 22.89
CA GLN A 498 -32.49 13.27 23.70
C GLN A 498 -33.11 12.02 23.07
N LEU A 499 -34.38 12.11 22.59
CA LEU A 499 -35.09 11.00 21.95
C LEU A 499 -34.42 10.61 20.63
N PHE A 500 -34.06 11.63 19.83
CA PHE A 500 -33.33 11.54 18.58
C PHE A 500 -31.99 10.84 18.71
N MET A 501 -31.23 11.15 19.78
CA MET A 501 -29.94 10.54 20.04
C MET A 501 -30.10 9.04 20.36
N ASP A 502 -31.23 8.67 21.03
CA ASP A 502 -31.68 7.31 21.37
C ASP A 502 -32.02 6.44 20.13
N PHE A 503 -32.17 7.06 18.96
CA PHE A 503 -32.46 6.38 17.67
C PHE A 503 -31.17 6.12 16.87
N GLY A 504 -30.04 6.53 17.44
CA GLY A 504 -28.73 6.37 16.85
C GLY A 504 -28.10 7.66 16.41
N LEU A 505 -28.79 8.79 16.56
CA LEU A 505 -28.22 10.07 16.14
C LEU A 505 -27.08 10.60 17.00
N GLN A 506 -26.21 11.39 16.38
CA GLN A 506 -25.04 11.98 17.01
C GLN A 506 -25.38 13.39 17.46
N GLU A 507 -24.67 13.86 18.50
CA GLU A 507 -24.80 15.18 19.09
C GLU A 507 -24.68 16.23 17.97
N ASP A 508 -23.67 16.05 17.10
CA ASP A 508 -23.37 16.93 15.96
C ASP A 508 -24.39 16.97 14.79
N GLN A 509 -25.32 15.97 14.68
CA GLN A 509 -26.28 15.96 13.57
C GLN A 509 -27.70 16.44 13.88
N ILE A 510 -27.93 16.93 15.12
CA ILE A 510 -29.22 17.49 15.53
C ILE A 510 -28.95 18.95 15.99
N PRO A 511 -29.47 19.99 15.30
CA PRO A 511 -29.25 21.35 15.80
C PRO A 511 -30.15 21.65 17.01
N ARG A 512 -29.81 22.70 17.78
CA ARG A 512 -30.61 23.10 18.94
C ARG A 512 -31.90 23.81 18.53
N ASN A 513 -31.87 24.56 17.41
CA ASN A 513 -32.97 25.37 16.89
C ASN A 513 -34.34 24.67 16.67
N TYR A 514 -35.41 25.50 16.58
CA TYR A 514 -36.80 25.09 16.38
C TYR A 514 -37.14 24.48 15.02
N THR A 515 -36.10 24.18 14.24
CA THR A 515 -36.16 23.57 12.89
C THR A 515 -36.34 22.06 13.00
N ILE A 516 -35.95 21.48 14.16
CA ILE A 516 -36.08 20.05 14.44
C ILE A 516 -37.57 19.60 14.53
N ALA A 517 -38.49 20.57 14.77
CA ALA A 517 -39.95 20.35 14.85
C ALA A 517 -40.51 20.13 13.45
N LEU A 518 -39.77 20.57 12.41
CA LEU A 518 -40.16 20.51 11.00
C LEU A 518 -39.48 19.40 10.18
N GLY A 519 -38.61 18.62 10.83
CA GLY A 519 -37.87 17.54 10.21
C GLY A 519 -36.84 17.98 9.19
N THR A 520 -36.06 18.99 9.52
CA THR A 520 -34.98 19.50 8.68
C THR A 520 -33.63 18.80 8.98
N PRO A 521 -33.24 18.45 10.24
CA PRO A 521 -31.97 17.72 10.42
C PRO A 521 -31.87 16.44 9.59
N GLN A 522 -30.67 16.11 9.15
CA GLN A 522 -30.38 14.93 8.34
C GLN A 522 -30.45 13.67 9.20
N VAL A 523 -31.21 12.67 8.73
CA VAL A 523 -31.34 11.34 9.34
C VAL A 523 -30.98 10.25 8.30
N LEU A 524 -30.64 9.05 8.78
CA LEU A 524 -30.49 7.87 7.94
C LEU A 524 -31.83 7.13 8.16
N PRO A 525 -32.39 6.51 7.11
CA PRO A 525 -33.67 5.76 7.26
C PRO A 525 -33.67 4.68 8.36
N ILE A 526 -32.49 4.03 8.60
CA ILE A 526 -32.30 3.01 9.63
C ILE A 526 -32.61 3.59 11.04
N GLN A 527 -32.27 4.87 11.25
CA GLN A 527 -32.53 5.67 12.44
C GLN A 527 -34.01 5.91 12.59
N MET A 528 -34.71 6.16 11.47
CA MET A 528 -36.19 6.32 11.45
C MET A 528 -36.86 4.99 11.81
N ALA A 529 -36.39 3.85 11.29
CA ALA A 529 -36.93 2.52 11.60
C ALA A 529 -36.71 2.20 13.08
N THR A 530 -35.57 2.63 13.65
CA THR A 530 -35.25 2.47 15.08
C THR A 530 -36.22 3.29 15.93
N GLY A 531 -36.50 4.51 15.49
CA GLY A 531 -37.40 5.46 16.13
C GLY A 531 -38.84 5.04 16.14
N TYR A 532 -39.33 4.51 15.02
CA TYR A 532 -40.71 4.03 14.89
C TYR A 532 -40.96 2.73 15.64
N ALA A 533 -39.91 1.96 15.86
CA ALA A 533 -39.87 0.70 16.59
C ALA A 533 -40.24 0.93 18.00
N THR A 534 -40.05 2.18 18.49
CA THR A 534 -40.36 2.64 19.84
C THR A 534 -41.84 2.55 20.05
N PHE A 535 -42.66 2.87 19.04
CA PHE A 535 -44.11 2.78 19.15
C PHE A 535 -44.53 1.34 19.16
N ALA A 536 -44.09 0.58 18.14
CA ALA A 536 -44.30 -0.84 17.90
C ALA A 536 -43.98 -1.75 19.08
N ASN A 537 -43.00 -1.37 19.93
CA ASN A 537 -42.51 -2.16 21.06
C ASN A 537 -42.88 -1.69 22.47
N GLY A 538 -43.55 -0.54 22.56
CA GLY A 538 -44.03 0.03 23.82
C GLY A 538 -43.13 1.01 24.53
N GLY A 539 -42.25 1.68 23.76
CA GLY A 539 -41.36 2.71 24.28
C GLY A 539 -40.00 2.29 24.71
N TYR A 540 -39.44 1.30 24.04
CA TYR A 540 -38.12 0.78 24.35
C TYR A 540 -37.15 1.15 23.25
N ARG A 541 -35.86 1.22 23.64
CA ARG A 541 -34.73 1.56 22.81
C ARG A 541 -34.04 0.29 22.36
N VAL A 542 -34.31 -0.13 21.12
CA VAL A 542 -33.64 -1.28 20.50
C VAL A 542 -32.54 -0.76 19.56
N GLN A 543 -31.43 -1.54 19.41
CA GLN A 543 -30.35 -1.14 18.51
C GLN A 543 -30.41 -2.00 17.25
N PRO A 544 -30.48 -1.44 16.00
CA PRO A 544 -30.47 -2.30 14.81
C PRO A 544 -29.18 -3.10 14.70
N HIS A 545 -29.31 -4.37 14.34
CA HIS A 545 -28.23 -5.32 14.27
C HIS A 545 -28.44 -6.31 13.13
N PHE A 546 -27.36 -6.67 12.37
CA PHE A 546 -27.49 -7.59 11.24
C PHE A 546 -26.82 -8.95 11.40
N ILE A 547 -26.06 -9.16 12.47
CA ILE A 547 -25.34 -10.43 12.70
C ILE A 547 -26.00 -11.20 13.82
N GLN A 548 -26.34 -12.49 13.61
CA GLN A 548 -26.90 -13.35 14.66
C GLN A 548 -25.76 -14.15 15.28
N ARG A 549 -24.90 -14.73 14.43
CA ARG A 549 -23.71 -15.44 14.90
C ARG A 549 -22.59 -15.46 13.87
N ILE A 550 -21.35 -15.56 14.33
CA ILE A 550 -20.19 -15.75 13.47
C ILE A 550 -19.51 -17.05 13.91
N GLU A 551 -19.17 -17.90 12.92
CA GLU A 551 -18.41 -19.13 13.16
C GLU A 551 -17.07 -18.96 12.46
N ASP A 552 -16.01 -19.60 12.97
CA ASP A 552 -14.70 -19.60 12.31
C ASP A 552 -14.76 -20.63 11.16
N ALA A 553 -13.84 -20.56 10.20
CA ALA A 553 -13.91 -21.50 9.06
C ALA A 553 -14.16 -22.96 9.51
N TYR A 554 -13.55 -23.38 10.65
CA TYR A 554 -13.66 -24.71 11.24
C TYR A 554 -15.10 -25.14 11.49
N GLY A 555 -15.84 -24.31 12.24
CA GLY A 555 -17.24 -24.52 12.61
C GLY A 555 -17.59 -24.02 14.00
N LYS A 556 -16.59 -23.46 14.73
CA LYS A 556 -16.76 -22.94 16.09
C LYS A 556 -17.43 -21.56 16.11
N VAL A 557 -18.50 -21.44 16.91
CA VAL A 557 -19.23 -20.20 17.12
C VAL A 557 -18.33 -19.30 18.00
N ILE A 558 -17.86 -18.19 17.42
CA ILE A 558 -16.96 -17.21 18.04
C ILE A 558 -17.72 -15.95 18.46
N TYR A 559 -18.90 -15.74 17.87
CA TYR A 559 -19.78 -14.63 18.21
C TYR A 559 -21.22 -15.12 18.17
N GLU A 560 -22.05 -14.64 19.10
CA GLU A 560 -23.46 -14.95 19.21
C GLU A 560 -24.13 -13.68 19.74
N ALA A 561 -24.92 -13.02 18.88
CA ALA A 561 -25.62 -11.79 19.19
C ALA A 561 -26.44 -11.87 20.47
N LYS A 562 -26.24 -10.88 21.35
CA LYS A 562 -26.94 -10.71 22.61
C LYS A 562 -27.65 -9.34 22.54
N PRO A 563 -28.78 -9.21 21.77
CA PRO A 563 -29.39 -7.88 21.66
C PRO A 563 -30.15 -7.45 22.89
N GLU A 564 -30.46 -6.15 22.96
CA GLU A 564 -31.28 -5.55 24.03
C GLU A 564 -32.73 -5.78 23.60
N TYR A 565 -33.49 -6.55 24.38
CA TYR A 565 -34.87 -6.87 24.07
C TYR A 565 -35.84 -5.90 24.67
N ALA A 566 -36.81 -5.47 23.86
CA ALA A 566 -37.88 -4.59 24.30
C ALA A 566 -38.73 -5.36 25.31
N CYS A 567 -39.12 -6.59 24.93
CA CYS A 567 -39.93 -7.50 25.74
C CYS A 567 -39.32 -8.88 25.68
N ILE A 568 -38.64 -9.30 26.78
CA ILE A 568 -37.99 -10.61 26.86
C ILE A 568 -39.01 -11.78 26.77
N PRO A 569 -40.13 -11.79 27.54
CA PRO A 569 -41.11 -12.89 27.39
C PRO A 569 -41.64 -13.12 25.96
N CYS A 570 -41.71 -12.04 25.16
CA CYS A 570 -42.21 -12.00 23.79
C CYS A 570 -41.55 -12.94 22.80
N ILE A 571 -40.33 -13.48 23.11
CA ILE A 571 -39.59 -14.35 22.19
C ILE A 571 -40.34 -15.67 21.79
N ASN A 572 -41.62 -15.83 22.22
CA ASN A 572 -42.52 -16.92 21.80
C ASN A 572 -43.71 -16.35 20.98
N ALA A 573 -44.05 -17.00 19.84
CA ALA A 573 -45.14 -16.58 18.94
C ALA A 573 -46.46 -17.27 19.26
N TYR A 619 -32.24 -12.80 27.30
CA TYR A 619 -31.41 -12.39 28.44
C TYR A 619 -31.38 -10.87 28.69
N ARG A 620 -30.80 -10.07 27.75
CA ARG A 620 -30.65 -8.60 27.85
C ARG A 620 -31.95 -7.79 27.73
N GLN A 621 -32.10 -6.71 28.52
CA GLN A 621 -33.32 -5.88 28.50
C GLN A 621 -33.02 -4.49 27.99
N ALA A 622 -33.81 -4.01 27.00
CA ALA A 622 -33.67 -2.69 26.38
C ALA A 622 -34.15 -1.63 27.36
N GLN A 623 -33.44 -0.50 27.44
CA GLN A 623 -33.88 0.57 28.31
C GLN A 623 -35.12 1.25 27.72
N ARG A 624 -36.06 1.64 28.59
CA ARG A 624 -37.30 2.32 28.23
C ARG A 624 -36.97 3.79 27.93
N ILE A 625 -37.43 4.32 26.78
CA ILE A 625 -37.17 5.71 26.35
C ILE A 625 -38.42 6.57 26.24
N LEU A 626 -39.60 5.93 26.23
CA LEU A 626 -40.88 6.63 26.11
C LEU A 626 -41.92 5.90 26.98
N LYS A 627 -42.76 6.65 27.73
CA LYS A 627 -43.75 6.04 28.62
C LYS A 627 -44.75 5.15 27.87
N SER A 628 -45.04 3.94 28.43
CA SER A 628 -45.89 2.89 27.85
C SER A 628 -47.15 3.45 27.21
N SER A 629 -47.87 4.34 27.94
CA SER A 629 -49.10 5.02 27.54
C SER A 629 -48.89 5.88 26.30
N SER A 630 -47.79 6.70 26.28
CA SER A 630 -47.44 7.58 25.16
C SER A 630 -47.08 6.81 23.90
N ALA A 631 -46.35 5.67 24.05
CA ALA A 631 -45.95 4.83 22.92
C ALA A 631 -47.16 4.11 22.37
N TYR A 632 -48.02 3.58 23.27
CA TYR A 632 -49.28 2.90 22.90
C TYR A 632 -50.30 3.88 22.25
N ASP A 633 -50.34 5.12 22.75
CA ASP A 633 -51.24 6.16 22.25
C ASP A 633 -50.85 6.62 20.89
N MET A 634 -49.54 6.89 20.67
CA MET A 634 -49.01 7.26 19.37
C MET A 634 -49.25 6.14 18.36
N ALA A 635 -49.00 4.88 18.78
CA ALA A 635 -49.25 3.73 17.94
C ALA A 635 -50.68 3.78 17.38
N ASN A 636 -51.69 4.00 18.24
CA ASN A 636 -53.09 4.04 17.83
C ASN A 636 -53.47 5.25 16.97
N ILE A 637 -52.81 6.40 17.22
CA ILE A 637 -52.98 7.60 16.39
C ILE A 637 -52.49 7.20 14.97
N LEU A 638 -51.28 6.61 14.89
CA LEU A 638 -50.67 6.12 13.63
C LEU A 638 -51.50 5.08 12.89
N ARG A 639 -52.21 4.22 13.63
CA ARG A 639 -53.13 3.24 13.06
C ARG A 639 -54.38 3.96 12.52
N ASP A 640 -54.87 5.00 13.26
CA ASP A 640 -56.00 5.87 12.91
C ASP A 640 -55.63 6.59 11.61
N VAL A 641 -54.38 7.08 11.50
CA VAL A 641 -53.79 7.78 10.35
C VAL A 641 -53.83 6.91 9.08
N ILE A 642 -53.59 5.60 9.21
CA ILE A 642 -53.54 4.66 8.07
C ILE A 642 -54.88 4.06 7.71
N GLU A 643 -55.72 3.77 8.72
CA GLU A 643 -57.06 3.17 8.56
C GLU A 643 -58.11 4.22 8.23
N HIS A 644 -57.95 5.45 8.74
CA HIS A 644 -58.97 6.49 8.55
C HIS A 644 -58.56 7.63 7.62
N GLY A 645 -57.25 7.72 7.38
CA GLY A 645 -56.65 8.66 6.45
C GLY A 645 -55.91 7.92 5.35
N THR A 646 -55.98 8.43 4.10
CA THR A 646 -55.36 7.85 2.89
C THR A 646 -56.21 6.67 2.31
N GLY A 647 -57.10 7.00 1.37
CA GLY A 647 -57.99 6.05 0.72
C GLY A 647 -59.45 6.38 0.83
N LYS A 652 -55.01 -0.16 1.76
CA LYS A 652 -55.09 -1.05 0.59
C LYS A 652 -54.78 -2.53 0.93
N ILE A 653 -54.50 -2.81 2.23
CA ILE A 653 -54.22 -4.17 2.75
C ILE A 653 -55.37 -4.63 3.68
N GLY A 654 -55.48 -5.95 3.84
CA GLY A 654 -56.44 -6.60 4.74
C GLY A 654 -55.78 -6.96 6.05
N ARG A 655 -55.34 -5.93 6.79
CA ARG A 655 -54.71 -6.02 8.10
C ARG A 655 -55.18 -4.87 8.92
N SER A 656 -55.36 -5.09 10.23
CA SER A 656 -55.85 -4.07 11.16
C SER A 656 -54.82 -3.75 12.24
N ASP A 657 -53.59 -4.28 12.07
CA ASP A 657 -52.50 -4.17 13.03
C ASP A 657 -51.40 -3.27 12.52
N LEU A 658 -51.69 -2.39 11.55
CA LEU A 658 -50.73 -1.50 10.91
C LEU A 658 -50.90 -0.07 11.28
N GLY A 659 -49.78 0.56 11.65
CA GLY A 659 -49.69 1.98 12.00
C GLY A 659 -48.69 2.63 11.07
N GLY A 660 -48.92 3.87 10.65
CA GLY A 660 -47.97 4.53 9.77
C GLY A 660 -48.16 6.02 9.59
N LYS A 661 -47.09 6.69 9.12
CA LYS A 661 -47.03 8.13 8.88
C LYS A 661 -46.30 8.41 7.56
N THR A 662 -46.83 9.34 6.76
CA THR A 662 -46.20 9.80 5.51
C THR A 662 -45.37 11.04 5.82
N GLY A 663 -44.44 11.36 4.94
CA GLY A 663 -43.60 12.54 5.07
C GLY A 663 -43.25 13.11 3.71
N THR A 664 -43.26 14.46 3.62
CA THR A 664 -42.90 15.22 2.43
C THR A 664 -42.14 16.48 2.88
N THR A 665 -40.92 16.68 2.37
CA THR A 665 -40.12 17.86 2.75
C THR A 665 -40.48 19.06 1.87
N ASN A 666 -39.91 20.25 2.17
CA ASN A 666 -40.13 21.44 1.37
C ASN A 666 -39.81 21.18 -0.10
N ASP A 667 -40.77 21.57 -0.97
CA ASP A 667 -40.72 21.40 -2.43
C ASP A 667 -40.58 19.93 -2.86
N ALA A 668 -41.24 19.03 -2.11
CA ALA A 668 -41.27 17.57 -2.29
C ALA A 668 -39.90 17.03 -2.70
N LYS A 669 -38.89 17.45 -1.95
CA LYS A 669 -37.51 17.03 -2.22
C LYS A 669 -37.24 15.61 -1.70
N ASP A 670 -38.22 15.08 -0.89
CA ASP A 670 -38.21 13.75 -0.27
C ASP A 670 -39.64 13.30 0.00
N ALA A 671 -39.96 12.03 -0.38
CA ALA A 671 -41.21 11.33 -0.13
C ALA A 671 -40.87 10.18 0.82
N TRP A 672 -41.51 10.13 1.99
CA TRP A 672 -41.27 9.12 3.03
C TRP A 672 -42.54 8.44 3.50
N PHE A 673 -42.36 7.22 4.02
CA PHE A 673 -43.38 6.43 4.71
C PHE A 673 -42.72 5.52 5.72
N ALA A 674 -43.10 5.70 6.99
CA ALA A 674 -42.61 4.96 8.12
C ALA A 674 -43.82 4.28 8.73
N GLY A 675 -43.83 2.96 8.70
CA GLY A 675 -44.95 2.17 9.19
C GLY A 675 -44.57 0.85 9.81
N PHE A 676 -45.46 0.30 10.61
CA PHE A 676 -45.18 -0.94 11.33
C PHE A 676 -46.45 -1.74 11.70
N ASN A 677 -46.20 -2.89 12.30
CA ASN A 677 -47.11 -3.80 12.98
C ASN A 677 -46.26 -4.24 14.20
N GLY A 678 -46.80 -5.05 15.09
CA GLY A 678 -46.07 -5.47 16.28
C GLY A 678 -44.79 -6.25 16.03
N LYS A 679 -44.64 -6.85 14.83
CA LYS A 679 -43.49 -7.70 14.46
C LYS A 679 -42.51 -7.12 13.40
N LEU A 680 -42.86 -6.01 12.75
CA LEU A 680 -42.07 -5.46 11.66
C LEU A 680 -42.25 -3.98 11.44
N VAL A 681 -41.11 -3.23 11.43
CA VAL A 681 -41.06 -1.79 11.16
C VAL A 681 -40.44 -1.62 9.78
N THR A 682 -41.13 -0.91 8.86
CA THR A 682 -40.60 -0.63 7.52
C THR A 682 -40.63 0.86 7.22
N VAL A 683 -39.48 1.39 6.76
CA VAL A 683 -39.32 2.78 6.37
C VAL A 683 -38.91 2.81 4.91
N THR A 684 -39.68 3.49 4.07
CA THR A 684 -39.38 3.67 2.65
C THR A 684 -39.08 5.16 2.37
N TRP A 685 -38.27 5.44 1.34
CA TRP A 685 -37.95 6.80 0.95
C TRP A 685 -37.78 6.85 -0.53
N VAL A 686 -38.19 7.96 -1.15
CA VAL A 686 -38.08 8.23 -2.59
C VAL A 686 -37.60 9.69 -2.74
N GLY A 687 -36.61 9.89 -3.61
CA GLY A 687 -36.03 11.20 -3.88
C GLY A 687 -34.83 11.13 -4.80
N PHE A 688 -34.37 12.31 -5.26
CA PHE A 688 -33.17 12.43 -6.12
C PHE A 688 -31.92 12.55 -5.28
N ASP A 689 -30.79 11.98 -5.74
CA ASP A 689 -29.54 12.07 -5.01
C ASP A 689 -29.04 13.50 -4.85
N GLN A 690 -29.19 14.32 -5.90
CA GLN A 690 -28.89 15.76 -5.90
C GLN A 690 -30.29 16.37 -5.69
N PRO A 691 -30.62 16.85 -4.44
CA PRO A 691 -32.00 17.24 -4.13
C PRO A 691 -32.70 18.21 -5.06
N THR A 692 -33.75 17.69 -5.73
CA THR A 692 -34.63 18.37 -6.66
C THR A 692 -36.04 17.99 -6.28
N THR A 693 -37.03 18.69 -6.84
CA THR A 693 -38.44 18.39 -6.61
C THR A 693 -38.85 17.12 -7.32
N LEU A 694 -39.71 16.35 -6.65
CA LEU A 694 -40.25 15.11 -7.19
C LEU A 694 -41.49 15.39 -8.07
N GLY A 695 -42.03 16.60 -7.93
CA GLY A 695 -43.25 17.04 -8.57
C GLY A 695 -44.17 17.60 -7.51
N ARG A 696 -45.21 18.34 -7.90
CA ARG A 696 -46.08 18.93 -6.89
C ARG A 696 -46.96 17.87 -6.24
N ARG A 697 -47.74 17.13 -7.06
CA ARG A 697 -48.65 16.07 -6.63
C ARG A 697 -47.89 14.79 -6.21
N GLU A 698 -46.65 14.95 -5.73
CA GLU A 698 -45.77 13.85 -5.35
C GLU A 698 -45.39 13.86 -3.87
N TYR A 699 -46.27 13.34 -3.02
CA TYR A 699 -46.03 13.28 -1.58
C TYR A 699 -45.60 11.87 -1.11
N GLY A 700 -45.25 11.73 0.18
CA GLY A 700 -44.90 10.46 0.79
C GLY A 700 -45.92 9.37 0.48
N GLY A 701 -47.21 9.70 0.64
CA GLY A 701 -48.35 8.84 0.37
C GLY A 701 -48.53 8.44 -1.09
N ILE A 702 -47.87 9.17 -2.02
CA ILE A 702 -47.93 8.95 -3.47
C ILE A 702 -46.70 8.20 -4.01
N ALA A 703 -45.49 8.62 -3.63
CA ALA A 703 -44.27 8.02 -4.13
C ALA A 703 -43.73 6.85 -3.27
N ALA A 704 -43.58 7.08 -1.95
CA ALA A 704 -43.04 6.13 -0.97
C ALA A 704 -44.05 5.08 -0.49
N LEU A 705 -45.28 5.52 -0.08
CA LEU A 705 -46.32 4.61 0.41
C LEU A 705 -46.57 3.37 -0.46
N PRO A 706 -46.76 3.47 -1.81
CA PRO A 706 -46.97 2.25 -2.62
C PRO A 706 -45.89 1.15 -2.51
N ILE A 707 -44.60 1.53 -2.28
CA ILE A 707 -43.53 0.56 -2.09
C ILE A 707 -43.76 -0.14 -0.73
N TRP A 708 -44.03 0.66 0.34
CA TRP A 708 -44.28 0.19 1.70
C TRP A 708 -45.45 -0.79 1.72
N ILE A 709 -46.61 -0.42 1.14
CA ILE A 709 -47.78 -1.29 1.09
C ILE A 709 -47.43 -2.61 0.42
N ASN A 710 -46.84 -2.52 -0.78
CA ASN A 710 -46.45 -3.67 -1.60
C ASN A 710 -45.51 -4.64 -0.85
N PHE A 711 -44.59 -4.11 -0.03
CA PHE A 711 -43.67 -4.89 0.79
C PHE A 711 -44.40 -5.55 1.96
N MET A 712 -45.03 -4.72 2.83
CA MET A 712 -45.76 -5.11 4.03
C MET A 712 -46.86 -6.14 3.79
N GLY A 713 -47.65 -5.95 2.71
CA GLY A 713 -48.71 -6.88 2.33
C GLY A 713 -48.15 -8.27 2.11
N GLN A 714 -47.08 -8.38 1.31
CA GLN A 714 -46.42 -9.62 0.99
C GLN A 714 -45.63 -10.23 2.15
N ALA A 715 -44.89 -9.37 2.90
CA ALA A 715 -44.07 -9.77 4.04
C ALA A 715 -44.96 -10.24 5.20
N LEU A 716 -46.09 -9.56 5.42
CA LEU A 716 -47.01 -9.91 6.50
C LEU A 716 -48.10 -10.93 6.14
N GLN A 717 -48.14 -11.39 4.87
CA GLN A 717 -49.08 -12.41 4.34
C GLN A 717 -48.99 -13.70 5.15
N GLY A 718 -50.15 -14.21 5.60
CA GLY A 718 -50.24 -15.44 6.36
C GLY A 718 -49.51 -15.39 7.69
N THR A 719 -49.70 -14.27 8.42
CA THR A 719 -49.14 -14.00 9.74
C THR A 719 -50.27 -13.42 10.57
N PRO A 720 -50.41 -13.83 11.86
CA PRO A 720 -51.51 -13.31 12.66
C PRO A 720 -51.32 -11.85 12.98
N ALA A 721 -52.43 -11.15 13.28
CA ALA A 721 -52.43 -9.75 13.68
C ALA A 721 -51.54 -9.61 14.93
N ALA A 722 -50.62 -8.64 14.89
CA ALA A 722 -49.68 -8.36 15.98
C ALA A 722 -49.65 -6.87 16.19
N TRP A 723 -50.04 -6.44 17.37
CA TRP A 723 -50.08 -5.02 17.69
C TRP A 723 -49.35 -4.75 19.00
N VAL A 724 -49.07 -3.47 19.29
CA VAL A 724 -48.40 -3.00 20.49
C VAL A 724 -49.07 -3.47 21.77
N ARG A 725 -48.23 -3.81 22.76
CA ARG A 725 -48.71 -4.33 24.03
C ARG A 725 -48.65 -3.27 25.11
N LEU A 726 -49.82 -2.81 25.56
CA LEU A 726 -49.89 -1.83 26.64
C LEU A 726 -49.65 -2.59 27.94
N GLU A 727 -48.40 -2.54 28.42
CA GLU A 727 -47.95 -3.25 29.63
C GLU A 727 -47.55 -2.24 30.69
N LYS B 19 10.58 -11.97 16.74
CA LYS B 19 11.08 -12.95 15.75
C LYS B 19 11.45 -12.31 14.35
N PRO B 20 12.48 -11.41 14.33
CA PRO B 20 12.88 -10.70 13.09
C PRO B 20 13.90 -11.46 12.24
N LEU B 21 14.07 -11.00 10.97
CA LEU B 21 15.12 -11.50 10.06
C LEU B 21 16.45 -11.17 10.76
N GLN B 22 17.22 -12.19 11.00
CA GLN B 22 18.53 -12.07 11.67
C GLN B 22 19.67 -12.32 10.68
N VAL B 23 20.65 -11.39 10.71
CA VAL B 23 21.83 -11.42 9.83
C VAL B 23 23.06 -11.71 10.69
N TYR B 24 23.76 -12.79 10.37
CA TYR B 24 25.00 -13.24 11.05
C TYR B 24 26.19 -13.21 10.11
N THR B 25 27.37 -13.16 10.66
CA THR B 25 28.59 -13.27 9.84
C THR B 25 29.00 -14.77 9.75
N ALA B 26 30.08 -15.05 9.02
CA ALA B 26 30.61 -16.40 8.85
C ALA B 26 31.28 -16.83 10.13
N ASP B 27 31.70 -15.85 10.93
CA ASP B 27 32.36 -16.07 12.22
C ASP B 27 31.37 -15.96 13.38
N ASN B 28 30.13 -16.21 13.07
CA ASN B 28 29.00 -16.29 13.97
C ASN B 28 28.57 -15.06 14.75
N GLN B 29 28.90 -13.86 14.27
CA GLN B 29 28.45 -12.65 14.94
C GLN B 29 27.08 -12.16 14.38
N LEU B 30 26.07 -11.92 15.26
CA LEU B 30 24.81 -11.29 14.87
C LEU B 30 25.11 -9.81 14.63
N ILE B 31 24.89 -9.33 13.40
CA ILE B 31 25.20 -7.94 13.02
C ILE B 31 23.95 -7.08 12.77
N ALA B 32 22.84 -7.72 12.36
CA ALA B 32 21.60 -6.99 12.04
C ALA B 32 20.35 -7.79 12.31
N GLU B 33 19.30 -7.11 12.76
CA GLU B 33 17.94 -7.64 13.00
C GLU B 33 17.02 -6.73 12.24
N TYR B 34 16.16 -7.35 11.40
CA TYR B 34 15.22 -6.64 10.54
C TYR B 34 13.80 -7.05 10.83
N GLY B 35 13.11 -6.20 11.55
CA GLY B 35 11.72 -6.47 11.90
C GLY B 35 10.76 -6.19 10.76
N GLY B 36 9.91 -7.17 10.48
CA GLY B 36 8.89 -7.06 9.44
C GLY B 36 7.53 -6.84 10.05
N LYS B 37 6.53 -7.67 9.66
CA LYS B 37 5.14 -7.62 10.13
C LYS B 37 5.09 -7.96 11.61
N LEU B 38 4.51 -7.07 12.42
CA LEU B 38 4.46 -7.25 13.85
C LEU B 38 3.03 -7.47 14.32
N SER B 39 2.86 -8.35 15.32
CA SER B 39 1.61 -8.70 15.99
C SER B 39 1.94 -9.17 17.41
N ILE B 40 1.40 -8.49 18.43
CA ILE B 40 1.60 -8.83 19.82
C ILE B 40 0.20 -9.06 20.37
N PRO B 41 -0.30 -10.31 20.30
CA PRO B 41 -1.65 -10.56 20.81
C PRO B 41 -1.75 -10.27 22.31
N VAL B 42 -2.85 -9.62 22.69
CA VAL B 42 -3.21 -9.24 24.05
C VAL B 42 -4.56 -9.86 24.41
N GLU B 43 -4.77 -10.17 25.70
CA GLU B 43 -6.06 -10.69 26.19
C GLU B 43 -7.01 -9.49 26.25
N TYR B 44 -8.30 -9.66 25.85
CA TYR B 44 -9.24 -8.53 25.84
C TYR B 44 -9.27 -7.76 27.16
N LYS B 45 -9.21 -8.49 28.29
CA LYS B 45 -9.19 -7.91 29.64
C LYS B 45 -8.00 -6.98 29.87
N GLN B 46 -6.82 -7.29 29.27
CA GLN B 46 -5.58 -6.49 29.35
C GLN B 46 -5.70 -5.11 28.66
N ILE B 47 -6.80 -4.87 27.89
CA ILE B 47 -6.97 -3.63 27.12
C ILE B 47 -7.56 -2.50 27.98
N PRO B 48 -6.92 -1.30 28.01
CA PRO B 48 -7.50 -0.19 28.76
C PRO B 48 -8.87 0.17 28.17
N PRO B 49 -9.87 0.46 29.03
CA PRO B 49 -11.21 0.80 28.50
C PRO B 49 -11.21 1.97 27.54
N ASN B 50 -10.35 2.99 27.76
CA ASN B 50 -10.22 4.17 26.88
C ASN B 50 -9.81 3.83 25.47
N PHE B 51 -9.10 2.70 25.29
CA PHE B 51 -8.70 2.25 23.98
C PHE B 51 -9.93 1.70 23.26
N ILE B 52 -10.74 0.90 23.97
CA ILE B 52 -11.96 0.33 23.44
C ILE B 52 -12.92 1.48 23.11
N HIS B 53 -13.04 2.46 24.02
CA HIS B 53 -13.86 3.66 23.84
C HIS B 53 -13.47 4.45 22.61
N ALA B 54 -12.18 4.52 22.30
CA ALA B 54 -11.63 5.22 21.14
C ALA B 54 -12.12 4.56 19.86
N PHE B 55 -12.13 3.21 19.82
CA PHE B 55 -12.62 2.46 18.67
C PHE B 55 -14.12 2.59 18.56
N LEU B 56 -14.82 2.68 19.70
CA LEU B 56 -16.28 2.89 19.78
C LEU B 56 -16.70 4.22 19.15
N ALA B 57 -15.97 5.31 19.43
CA ALA B 57 -16.21 6.66 18.92
C ALA B 57 -15.61 6.91 17.53
N ALA B 58 -14.82 5.97 17.02
CA ALA B 58 -14.16 6.08 15.70
C ALA B 58 -15.15 6.14 14.51
N GLU B 59 -16.32 5.50 14.65
CA GLU B 59 -17.36 5.51 13.62
C GLU B 59 -18.63 6.02 14.19
N ASP B 60 -19.39 6.80 13.40
CA ASP B 60 -20.67 7.40 13.80
C ASP B 60 -21.77 6.37 14.10
N SER B 61 -21.86 5.29 13.28
CA SER B 61 -22.89 4.27 13.42
C SER B 61 -22.41 2.83 13.25
N SER B 62 -22.83 1.98 14.19
CA SER B 62 -22.55 0.56 14.28
C SER B 62 -23.85 -0.24 14.17
N PHE B 63 -23.88 -1.25 13.28
CA PHE B 63 -25.06 -2.07 13.06
C PHE B 63 -24.83 -3.58 13.10
N PHE B 64 -23.80 -4.02 13.81
CA PHE B 64 -23.49 -5.45 13.90
C PHE B 64 -24.50 -6.24 14.74
N GLU B 124 -25.06 7.97 25.31
CA GLU B 124 -25.27 6.93 24.31
C GLU B 124 -24.14 5.87 24.28
N GLN B 125 -24.50 4.62 23.90
CA GLN B 125 -23.61 3.43 23.84
C GLN B 125 -23.76 2.68 22.48
N ASN B 126 -22.69 1.94 22.08
CA ASN B 126 -22.64 1.10 20.87
C ASN B 126 -23.02 -0.34 21.26
N LEU B 127 -22.11 -1.04 22.01
CA LEU B 127 -22.17 -2.41 22.55
C LEU B 127 -21.82 -3.54 21.58
N SER B 128 -22.47 -3.59 20.41
CA SER B 128 -22.26 -4.63 19.39
C SER B 128 -20.78 -4.67 18.95
N LYS B 129 -20.21 -3.48 18.68
CA LYS B 129 -18.82 -3.30 18.28
C LYS B 129 -17.87 -3.81 19.35
N GLU B 130 -18.18 -3.58 20.63
CA GLU B 130 -17.33 -4.03 21.73
C GLU B 130 -17.12 -5.55 21.72
N ASP B 131 -18.16 -6.30 21.35
CA ASP B 131 -18.09 -7.76 21.27
C ASP B 131 -17.32 -8.19 20.03
N ILE B 132 -17.61 -7.59 18.86
CA ILE B 132 -16.92 -7.94 17.61
C ILE B 132 -15.46 -7.43 17.58
N LEU B 133 -15.14 -6.38 18.35
CA LEU B 133 -13.80 -5.79 18.44
C LEU B 133 -12.79 -6.81 18.94
N SER B 134 -13.18 -7.63 19.96
CA SER B 134 -12.38 -8.70 20.57
C SER B 134 -11.83 -9.68 19.53
N LEU B 135 -12.61 -9.92 18.45
CA LEU B 135 -12.24 -10.81 17.36
C LEU B 135 -11.08 -10.26 16.50
N TYR B 136 -11.04 -8.93 16.29
CA TYR B 136 -10.09 -8.25 15.41
C TYR B 136 -8.95 -7.49 16.10
N VAL B 137 -9.13 -7.12 17.38
CA VAL B 137 -8.21 -6.31 18.17
C VAL B 137 -6.69 -6.62 18.03
N ASN B 138 -6.32 -7.88 17.81
CA ASN B 138 -4.93 -8.31 17.64
C ASN B 138 -4.50 -8.53 16.20
N LYS B 139 -5.45 -8.42 15.25
CA LYS B 139 -5.20 -8.62 13.84
C LYS B 139 -5.36 -7.38 12.92
N ILE B 140 -6.15 -6.37 13.33
CA ILE B 140 -6.36 -5.14 12.55
C ILE B 140 -5.04 -4.58 12.03
N PHE B 141 -4.93 -4.34 10.71
CA PHE B 141 -3.79 -3.73 10.07
C PHE B 141 -3.88 -2.24 10.41
N LEU B 142 -2.81 -1.71 11.00
CA LEU B 142 -2.79 -0.33 11.47
C LEU B 142 -1.67 0.50 10.84
N GLY B 143 -1.26 0.09 9.64
CA GLY B 143 -0.23 0.76 8.86
C GLY B 143 1.17 0.50 9.36
N LYS B 144 2.15 0.66 8.44
CA LYS B 144 3.60 0.55 8.72
C LYS B 144 3.96 -0.76 9.46
N ASN B 145 3.54 -1.93 8.90
CA ASN B 145 3.76 -3.28 9.44
C ASN B 145 3.06 -3.58 10.79
N ALA B 146 2.10 -2.73 11.25
CA ALA B 146 1.44 -2.97 12.55
C ALA B 146 0.12 -3.70 12.40
N TYR B 147 0.03 -4.89 13.02
CA TYR B 147 -1.16 -5.73 13.05
C TYR B 147 -1.59 -5.91 14.48
N GLY B 148 -2.68 -5.22 14.86
CA GLY B 148 -3.21 -5.24 16.20
C GLY B 148 -2.73 -4.06 17.01
N ILE B 149 -3.50 -3.73 18.02
CA ILE B 149 -3.28 -2.58 18.91
C ILE B 149 -1.91 -2.53 19.56
N ALA B 150 -1.41 -3.69 20.04
CA ALA B 150 -0.09 -3.75 20.67
C ALA B 150 1.03 -3.45 19.71
N ALA B 151 0.98 -4.02 18.49
CA ALA B 151 1.98 -3.76 17.46
C ALA B 151 1.99 -2.28 17.04
N ALA B 152 0.80 -1.63 16.96
CA ALA B 152 0.72 -0.20 16.62
C ALA B 152 1.25 0.69 17.76
N ALA B 153 1.01 0.27 19.03
CA ALA B 153 1.49 1.00 20.20
C ALA B 153 3.02 0.95 20.22
N LYS B 154 3.62 -0.20 19.79
CA LYS B 154 5.07 -0.39 19.71
C LYS B 154 5.70 0.35 18.54
N ILE B 155 5.15 0.20 17.34
CA ILE B 155 5.65 0.81 16.10
C ILE B 155 5.62 2.34 16.09
N TYR B 156 4.48 2.94 16.45
CA TYR B 156 4.31 4.39 16.41
C TYR B 156 4.84 5.15 17.62
N TYR B 157 4.80 4.52 18.81
CA TYR B 157 5.17 5.22 20.05
C TYR B 157 6.20 4.56 20.94
N ASN B 158 6.57 3.28 20.68
CA ASN B 158 7.52 2.50 21.50
C ASN B 158 6.95 2.29 22.90
N LYS B 159 5.63 2.08 22.93
CA LYS B 159 4.85 1.90 24.14
C LYS B 159 4.09 0.60 24.14
N SER B 160 3.64 0.19 25.34
CA SER B 160 2.74 -0.93 25.52
C SER B 160 1.37 -0.25 25.50
N ILE B 161 0.29 -1.02 25.29
CA ILE B 161 -1.05 -0.43 25.25
C ILE B 161 -1.47 0.33 26.52
N ASN B 162 -0.99 -0.12 27.69
CA ASN B 162 -1.30 0.57 28.95
C ASN B 162 -0.49 1.85 29.17
N GLU B 163 0.58 2.05 28.38
CA GLU B 163 1.42 3.26 28.45
C GLU B 163 0.88 4.39 27.55
N LEU B 164 -0.06 4.09 26.63
CA LEU B 164 -0.62 5.09 25.70
C LEU B 164 -1.43 6.17 26.36
N SER B 165 -1.43 7.38 25.75
CA SER B 165 -2.21 8.51 26.20
C SER B 165 -3.58 8.40 25.50
N ILE B 166 -4.59 9.18 25.95
CA ILE B 166 -5.93 9.18 25.34
C ILE B 166 -5.84 9.63 23.87
N ALA B 167 -5.00 10.66 23.59
CA ALA B 167 -4.74 11.20 22.26
C ALA B 167 -4.08 10.14 21.34
N GLN B 168 -3.18 9.33 21.89
CA GLN B 168 -2.49 8.28 21.13
C GLN B 168 -3.45 7.14 20.79
N MET B 169 -4.28 6.73 21.76
CA MET B 169 -5.32 5.72 21.63
C MET B 169 -6.32 6.13 20.54
N ALA B 170 -6.71 7.42 20.53
CA ALA B 170 -7.62 7.97 19.53
C ALA B 170 -6.97 7.99 18.14
N MET B 171 -5.66 8.25 18.06
CA MET B 171 -4.87 8.28 16.82
C MET B 171 -4.90 6.90 16.13
N ILE B 172 -4.57 5.82 16.89
CA ILE B 172 -4.58 4.42 16.45
C ILE B 172 -6.03 3.99 16.07
N ALA B 173 -7.04 4.46 16.83
CA ALA B 173 -8.46 4.18 16.59
C ALA B 173 -8.97 4.70 15.26
N GLY B 174 -8.27 5.67 14.67
CA GLY B 174 -8.65 6.30 13.41
C GLY B 174 -8.03 5.72 12.17
N LEU B 175 -7.06 4.83 12.36
CA LEU B 175 -6.32 4.17 11.31
C LEU B 175 -7.03 3.02 10.59
N PRO B 176 -7.86 2.15 11.22
CA PRO B 176 -8.40 0.98 10.49
C PRO B 176 -9.08 1.21 9.14
N LYS B 177 -9.96 2.23 9.04
CA LYS B 177 -10.74 2.62 7.86
C LYS B 177 -9.88 2.76 6.59
N ALA B 178 -8.72 3.48 6.69
CA ALA B 178 -7.74 3.68 5.60
C ALA B 178 -6.35 3.93 6.20
N PRO B 179 -5.55 2.87 6.44
CA PRO B 179 -4.23 3.05 7.10
C PRO B 179 -3.13 3.74 6.26
N SER B 180 -3.51 4.68 5.38
CA SER B 180 -2.59 5.44 4.52
C SER B 180 -3.11 6.88 4.34
N LYS B 181 -4.44 7.04 4.12
CA LYS B 181 -5.10 8.34 3.99
C LYS B 181 -5.06 9.06 5.36
N TYR B 182 -4.99 8.29 6.46
CA TYR B 182 -4.97 8.80 7.83
C TYR B 182 -3.71 8.46 8.64
N ASN B 183 -2.69 7.80 8.01
CA ASN B 183 -1.40 7.43 8.60
C ASN B 183 -0.62 8.67 9.15
N PRO B 184 -0.27 8.77 10.46
CA PRO B 184 0.41 9.99 10.95
C PRO B 184 1.84 10.21 10.44
N VAL B 185 2.49 9.13 9.96
CA VAL B 185 3.86 9.11 9.44
C VAL B 185 3.85 9.53 7.95
N VAL B 186 2.73 9.28 7.25
CA VAL B 186 2.52 9.56 5.81
C VAL B 186 1.77 10.88 5.62
N ASN B 187 0.61 11.03 6.28
CA ASN B 187 -0.29 12.18 6.19
C ASN B 187 -0.56 12.76 7.60
N PRO B 188 0.43 13.41 8.26
CA PRO B 188 0.17 13.97 9.61
C PRO B 188 -1.01 14.93 9.78
N GLU B 189 -1.24 15.82 8.79
CA GLU B 189 -2.32 16.82 8.83
C GLU B 189 -3.70 16.14 8.96
N ARG B 190 -3.98 15.16 8.07
CA ARG B 190 -5.22 14.38 8.02
C ARG B 190 -5.40 13.55 9.29
N ALA B 191 -4.29 12.97 9.80
CA ALA B 191 -4.19 12.15 11.01
C ALA B 191 -4.64 12.95 12.25
N LEU B 192 -4.20 14.22 12.31
CA LEU B 192 -4.55 15.13 13.39
C LEU B 192 -6.02 15.44 13.40
N GLU B 193 -6.63 15.66 12.21
CA GLU B 193 -8.06 15.96 11.99
C GLU B 193 -8.95 14.79 12.42
N ARG B 194 -8.57 13.56 12.02
CA ARG B 194 -9.27 12.33 12.36
C ARG B 194 -9.22 12.14 13.89
N ARG B 195 -8.00 12.13 14.49
CA ARG B 195 -7.77 11.95 15.93
C ARG B 195 -8.68 12.83 16.78
N ASN B 196 -8.68 14.14 16.51
CA ASN B 196 -9.46 15.14 17.24
C ASN B 196 -10.92 14.97 17.04
N TRP B 197 -11.34 14.54 15.82
CA TRP B 197 -12.75 14.24 15.57
C TRP B 197 -13.21 13.14 16.55
N ILE B 198 -12.43 12.04 16.66
CA ILE B 198 -12.63 10.92 17.57
C ILE B 198 -12.70 11.40 19.03
N LEU B 199 -11.74 12.26 19.45
CA LEU B 199 -11.71 12.80 20.81
C LEU B 199 -12.97 13.58 21.07
N GLY B 200 -13.38 14.39 20.08
CA GLY B 200 -14.63 15.17 20.10
C GLY B 200 -15.83 14.28 20.30
N ARG B 201 -15.89 13.19 19.52
CA ARG B 201 -16.87 12.11 19.56
C ARG B 201 -16.84 11.36 20.94
N MET B 202 -15.64 11.15 21.52
CA MET B 202 -15.42 10.50 22.81
C MET B 202 -15.95 11.35 23.96
N LEU B 203 -15.86 12.68 23.82
CA LEU B 203 -16.33 13.63 24.81
C LEU B 203 -17.85 13.67 24.78
N GLN B 204 -18.44 13.74 23.57
CA GLN B 204 -19.90 13.76 23.35
C GLN B 204 -20.58 12.57 24.00
N LEU B 205 -19.98 11.38 23.92
CA LEU B 205 -20.51 10.13 24.46
C LEU B 205 -20.30 9.89 25.95
N GLY B 206 -19.55 10.78 26.59
CA GLY B 206 -19.26 10.71 28.01
C GLY B 206 -18.21 9.67 28.34
N TYR B 207 -17.37 9.31 27.36
CA TYR B 207 -16.27 8.35 27.51
C TYR B 207 -15.14 9.05 28.22
N ILE B 208 -14.83 10.27 27.77
CA ILE B 208 -13.77 11.09 28.36
C ILE B 208 -14.39 12.34 28.94
N SER B 209 -13.77 12.86 30.01
CA SER B 209 -14.17 14.12 30.64
C SER B 209 -13.57 15.26 29.80
N GLN B 210 -14.08 16.49 30.00
CA GLN B 210 -13.57 17.66 29.26
C GLN B 210 -12.11 17.96 29.64
N ALA B 211 -11.72 17.69 30.91
CA ALA B 211 -10.35 17.85 31.41
C ALA B 211 -9.42 16.97 30.60
N GLU B 212 -9.85 15.71 30.35
CA GLU B 212 -9.13 14.74 29.53
C GLU B 212 -9.21 15.17 28.06
N TYR B 213 -10.34 15.78 27.66
CA TYR B 213 -10.52 16.23 26.29
C TYR B 213 -9.54 17.36 25.92
N GLN B 214 -9.45 18.42 26.75
CA GLN B 214 -8.55 19.55 26.53
C GLN B 214 -7.08 19.12 26.56
N LYS B 215 -6.73 18.23 27.51
CA LYS B 215 -5.39 17.64 27.66
C LYS B 215 -4.98 16.93 26.36
N ALA B 216 -5.84 15.99 25.89
CA ALA B 216 -5.60 15.17 24.71
C ALA B 216 -5.60 15.93 23.38
N VAL B 217 -6.65 16.72 23.10
CA VAL B 217 -6.81 17.48 21.85
C VAL B 217 -5.63 18.45 21.53
N ALA B 218 -5.00 19.00 22.59
CA ALA B 218 -3.88 19.95 22.52
C ALA B 218 -2.54 19.27 22.28
N GLU B 219 -2.48 17.94 22.43
CA GLU B 219 -1.26 17.14 22.25
C GLU B 219 -0.78 17.10 20.79
N PRO B 220 0.55 17.00 20.53
CA PRO B 220 1.00 16.85 19.13
C PRO B 220 0.93 15.38 18.67
N ILE B 221 1.54 15.05 17.53
CA ILE B 221 1.59 13.66 17.05
C ILE B 221 2.40 12.77 18.02
N ASN B 222 3.49 13.33 18.63
CA ASN B 222 4.39 12.68 19.60
C ASN B 222 4.85 11.29 19.16
N LEU B 223 5.27 11.17 17.89
CA LEU B 223 5.78 9.90 17.37
C LEU B 223 7.17 9.61 17.96
N ASN B 224 7.32 8.40 18.49
CA ASN B 224 8.57 7.92 19.05
C ASN B 224 8.71 6.53 18.42
N MET B 225 8.97 6.53 17.10
CA MET B 225 9.04 5.28 16.35
C MET B 225 10.35 4.58 16.62
N PRO B 226 10.34 3.38 17.26
CA PRO B 226 11.61 2.70 17.49
C PRO B 226 12.18 2.17 16.17
N ASN B 227 13.51 2.09 16.06
CA ASN B 227 14.06 1.55 14.85
C ASN B 227 14.08 0.03 14.99
N ARG B 228 13.23 -0.59 14.18
CA ARG B 228 13.05 -2.02 14.13
C ARG B 228 14.05 -2.68 13.16
N ASP B 229 14.78 -1.84 12.36
CA ASP B 229 15.78 -2.31 11.42
C ASP B 229 17.20 -2.04 11.99
N LEU B 230 17.63 -2.82 13.03
CA LEU B 230 18.93 -2.62 13.71
C LEU B 230 20.11 -3.10 12.86
N ASN B 231 20.99 -2.18 12.52
CA ASN B 231 22.16 -2.47 11.69
C ASN B 231 23.25 -1.43 11.99
N ASN B 232 23.95 -1.65 13.10
CA ASN B 232 24.93 -0.68 13.57
C ASN B 232 26.32 -1.28 13.88
N ILE B 233 26.54 -2.54 13.42
CA ILE B 233 27.83 -3.17 13.62
C ILE B 233 28.69 -3.11 12.36
N HIS B 234 28.15 -3.62 11.23
CA HIS B 234 28.75 -3.64 9.89
C HIS B 234 27.65 -3.27 8.94
N PRO B 235 27.31 -1.96 8.90
CA PRO B 235 26.09 -1.54 8.21
C PRO B 235 25.91 -1.86 6.74
N TYR B 236 27.00 -1.83 5.98
CA TYR B 236 26.95 -2.12 4.55
C TYR B 236 26.64 -3.59 4.31
N ALA B 237 27.13 -4.48 5.21
CA ALA B 237 26.90 -5.92 5.19
C ALA B 237 25.45 -6.28 5.51
N GLY B 238 24.87 -5.66 6.54
CA GLY B 238 23.51 -5.92 6.95
C GLY B 238 22.51 -5.39 5.93
N GLU B 239 22.76 -4.18 5.45
CA GLU B 239 21.93 -3.55 4.42
C GLU B 239 21.94 -4.34 3.12
N MET B 240 23.09 -4.92 2.76
CA MET B 240 23.29 -5.76 1.58
C MET B 240 22.25 -6.90 1.60
N VAL B 241 22.05 -7.56 2.75
CA VAL B 241 21.08 -8.65 2.92
C VAL B 241 19.64 -8.11 2.76
N ARG B 242 19.28 -7.05 3.51
CA ARG B 242 17.94 -6.50 3.46
C ARG B 242 17.58 -5.98 2.08
N SER B 243 18.46 -5.15 1.50
CA SER B 243 18.21 -4.54 0.21
C SER B 243 18.11 -5.56 -0.94
N GLU B 244 18.93 -6.59 -0.90
CA GLU B 244 18.93 -7.62 -1.94
C GLU B 244 17.75 -8.56 -1.86
N LEU B 245 17.30 -8.91 -0.64
CA LEU B 245 16.12 -9.76 -0.50
C LEU B 245 14.87 -9.05 -0.92
N VAL B 246 14.79 -7.75 -0.60
CA VAL B 246 13.66 -6.89 -0.94
C VAL B 246 13.62 -6.61 -2.45
N LYS B 247 14.77 -6.37 -3.09
CA LYS B 247 14.86 -6.14 -4.53
C LYS B 247 14.29 -7.35 -5.29
N HIS B 248 14.74 -8.56 -4.95
CA HIS B 248 14.33 -9.78 -5.65
C HIS B 248 13.02 -10.40 -5.22
N PHE B 249 12.62 -10.22 -3.94
CA PHE B 249 11.44 -10.90 -3.41
C PHE B 249 10.41 -10.06 -2.67
N GLY B 250 10.61 -8.75 -2.58
CA GLY B 250 9.74 -7.84 -1.84
C GLY B 250 9.79 -7.97 -0.32
N GLU B 251 8.97 -7.17 0.36
CA GLU B 251 8.88 -7.12 1.83
C GLU B 251 8.57 -8.43 2.54
N GLN B 252 7.87 -9.34 1.87
CA GLN B 252 7.54 -10.66 2.40
C GLN B 252 8.81 -11.44 2.77
N ALA B 253 10.00 -11.05 2.18
CA ALA B 253 11.28 -11.71 2.43
C ALA B 253 11.79 -11.42 3.84
N ILE B 254 11.32 -10.31 4.41
CA ILE B 254 11.66 -9.90 5.76
C ILE B 254 10.75 -10.55 6.80
N ASP B 255 9.41 -10.46 6.64
CA ASP B 255 8.51 -11.03 7.64
C ASP B 255 8.56 -12.56 7.82
N SER B 256 9.53 -13.23 7.15
CA SER B 256 9.75 -14.67 7.27
C SER B 256 10.42 -15.18 8.60
N GLY B 257 11.01 -14.28 9.42
CA GLY B 257 11.66 -14.64 10.69
C GLY B 257 12.92 -15.53 10.63
N TYR B 258 13.41 -15.75 9.40
CA TYR B 258 14.57 -16.55 9.06
C TYR B 258 15.90 -16.02 9.66
N LYS B 259 16.90 -16.89 9.74
CA LYS B 259 18.23 -16.57 10.18
C LYS B 259 19.09 -16.72 8.94
N VAL B 260 19.68 -15.60 8.46
CA VAL B 260 20.56 -15.55 7.29
C VAL B 260 21.98 -15.54 7.80
N TYR B 261 22.71 -16.58 7.43
CA TYR B 261 24.12 -16.80 7.73
C TYR B 261 24.90 -16.43 6.50
N THR B 262 25.51 -15.26 6.57
CA THR B 262 26.30 -14.68 5.49
C THR B 262 27.68 -15.26 5.40
N THR B 263 28.40 -14.88 4.30
CA THR B 263 29.78 -15.28 3.98
C THR B 263 30.75 -14.25 4.55
N ILE B 264 30.23 -13.15 5.13
CA ILE B 264 31.03 -12.07 5.67
C ILE B 264 31.91 -12.49 6.84
N ASN B 265 33.14 -12.16 6.78
CA ASN B 265 34.08 -12.35 7.87
C ASN B 265 34.04 -11.02 8.63
N ALA B 266 33.67 -11.05 9.91
CA ALA B 266 33.57 -9.80 10.71
C ALA B 266 34.88 -9.11 10.93
N LYS B 267 35.96 -9.88 11.19
CA LYS B 267 37.31 -9.34 11.40
C LYS B 267 37.69 -8.57 10.16
N ARG B 268 37.58 -9.24 8.98
CA ARG B 268 37.90 -8.67 7.67
C ARG B 268 37.01 -7.49 7.35
N GLN B 269 35.71 -7.56 7.71
CA GLN B 269 34.76 -6.47 7.50
C GLN B 269 35.16 -5.22 8.27
N ALA B 270 35.59 -5.35 9.53
CA ALA B 270 36.03 -4.24 10.37
C ALA B 270 37.28 -3.56 9.83
N ILE B 271 38.25 -4.37 9.33
CA ILE B 271 39.50 -3.91 8.73
C ILE B 271 39.21 -3.04 7.49
N ALA B 272 38.33 -3.55 6.59
CA ALA B 272 37.89 -2.90 5.36
C ALA B 272 37.24 -1.58 5.68
N GLU B 273 36.34 -1.54 6.68
CA GLU B 273 35.67 -0.34 7.14
C GLU B 273 36.70 0.72 7.55
N LYS B 274 37.70 0.37 8.39
CA LYS B 274 38.77 1.29 8.81
C LYS B 274 39.66 1.73 7.61
N ALA B 275 40.02 0.79 6.72
CA ALA B 275 40.84 1.04 5.55
C ALA B 275 40.25 2.05 4.59
N VAL B 276 38.96 1.88 4.27
CA VAL B 276 38.25 2.78 3.38
C VAL B 276 38.14 4.15 4.04
N GLN B 277 37.82 4.20 5.35
CA GLN B 277 37.73 5.45 6.09
C GLN B 277 39.07 6.19 6.15
N ASP B 278 40.17 5.52 6.51
CA ASP B 278 41.49 6.15 6.59
C ASP B 278 42.05 6.65 5.28
N GLY B 279 41.87 5.85 4.23
CA GLY B 279 42.36 6.13 2.88
C GLY B 279 41.71 7.33 2.23
N LEU B 280 40.42 7.53 2.54
CA LEU B 280 39.63 8.64 2.03
C LEU B 280 39.94 9.88 2.83
N GLU B 281 40.12 9.73 4.16
CA GLU B 281 40.59 10.80 5.06
C GLU B 281 42.02 11.26 4.63
N ALA B 282 42.87 10.30 4.18
CA ALA B 282 44.22 10.60 3.68
C ALA B 282 44.16 11.48 2.42
N TYR B 283 43.30 11.11 1.45
CA TYR B 283 43.13 11.84 0.20
C TYR B 283 42.56 13.22 0.49
N ASP B 284 41.48 13.27 1.30
CA ASP B 284 40.79 14.49 1.70
C ASP B 284 41.76 15.43 2.36
N ARG B 285 42.45 15.00 3.44
CA ARG B 285 43.41 15.85 4.13
C ARG B 285 44.45 16.47 3.17
N ARG B 286 45.09 15.64 2.27
CA ARG B 286 46.07 16.19 1.32
C ARG B 286 45.48 17.22 0.35
N HIS B 287 44.15 17.12 0.13
CA HIS B 287 43.49 18.04 -0.78
C HIS B 287 43.03 19.38 -0.18
N GLY B 288 43.13 19.46 1.15
CA GLY B 288 42.84 20.62 1.95
C GLY B 288 41.43 20.79 2.51
N TRP B 289 41.33 21.78 3.42
CA TRP B 289 40.13 22.24 4.11
C TRP B 289 39.18 22.91 3.12
N ARG B 290 37.91 22.49 3.12
CA ARG B 290 36.86 22.98 2.23
C ARG B 290 35.85 23.89 2.96
N GLY B 291 36.14 24.20 4.22
CA GLY B 291 35.28 25.02 5.06
C GLY B 291 34.33 24.16 5.85
N ALA B 292 33.59 24.80 6.80
CA ALA B 292 32.62 24.11 7.67
C ALA B 292 31.47 23.54 6.85
N GLU B 293 30.86 22.42 7.29
CA GLU B 293 29.74 21.83 6.55
C GLU B 293 28.47 22.67 6.47
N ALA B 294 28.34 23.64 7.38
CA ALA B 294 27.22 24.60 7.47
C ALA B 294 27.61 25.80 8.36
N HIS B 295 26.84 26.89 8.26
CA HIS B 295 27.02 28.09 9.08
C HIS B 295 25.64 28.60 9.51
N ASP B 296 25.54 29.09 10.78
CA ASP B 296 24.34 29.62 11.47
C ASP B 296 23.15 28.62 11.64
N LYS B 297 23.29 27.39 11.08
CA LYS B 297 22.27 26.33 11.12
C LYS B 297 22.17 25.56 12.47
N PRO B 298 21.16 24.66 12.69
CA PRO B 298 21.02 24.03 14.00
C PRO B 298 21.77 22.70 14.20
N LEU B 299 22.54 22.62 15.30
CA LEU B 299 23.37 21.48 15.70
C LEU B 299 22.60 20.14 15.85
N SER B 300 21.29 20.20 16.11
CA SER B 300 20.39 19.06 16.27
C SER B 300 20.19 18.32 14.93
N GLU B 301 20.37 19.04 13.81
CA GLU B 301 20.18 18.57 12.45
C GLU B 301 21.37 17.80 11.84
N PHE B 302 22.45 17.58 12.62
CA PHE B 302 23.64 16.86 12.13
C PHE B 302 23.89 15.61 12.95
N ARG B 303 24.26 14.48 12.28
CA ARG B 303 24.54 13.22 12.97
C ARG B 303 26.04 12.99 13.11
N ALA B 304 26.43 12.23 14.15
CA ALA B 304 27.81 11.81 14.34
C ALA B 304 28.00 10.46 13.61
N TYR B 305 29.20 10.21 13.06
CA TYR B 305 29.53 8.96 12.35
C TYR B 305 30.99 8.95 11.95
N ALA B 306 31.53 7.75 11.66
CA ALA B 306 32.93 7.51 11.29
C ALA B 306 33.90 8.24 12.26
N ASN B 307 33.54 8.25 13.57
CA ASN B 307 34.31 8.87 14.64
C ASN B 307 34.54 10.38 14.41
N THR B 308 33.45 11.03 13.97
CA THR B 308 33.34 12.47 13.72
C THR B 308 32.07 12.94 14.37
N TYR B 309 32.18 14.00 15.14
CA TYR B 309 31.13 14.53 15.98
C TYR B 309 30.88 16.01 15.69
N PRO B 310 29.65 16.34 15.24
CA PRO B 310 29.29 17.74 14.99
C PRO B 310 29.46 18.67 16.20
N ALA B 311 30.04 19.85 15.93
CA ALA B 311 30.33 20.89 16.90
C ALA B 311 30.05 22.26 16.32
N GLN B 312 29.42 23.13 17.11
CA GLN B 312 29.14 24.51 16.71
C GLN B 312 30.21 25.40 17.34
N VAL B 313 31.07 26.04 16.51
CA VAL B 313 32.16 26.93 16.93
C VAL B 313 31.58 28.10 17.70
N THR B 314 32.07 28.34 18.93
CA THR B 314 31.59 29.42 19.81
C THR B 314 32.55 30.60 19.99
N LYS B 315 33.87 30.37 19.87
CA LYS B 315 34.89 31.41 20.00
C LYS B 315 36.10 31.04 19.17
N VAL B 316 36.70 32.05 18.50
CA VAL B 316 37.90 31.87 17.67
C VAL B 316 39.04 32.72 18.26
N ASN B 317 40.05 32.03 18.82
CA ASN B 317 41.24 32.67 19.37
C ASN B 317 42.30 32.69 18.26
N SER B 318 43.52 33.18 18.58
CA SER B 318 44.60 33.27 17.61
C SER B 318 45.01 31.87 17.13
N SER B 319 45.48 31.05 18.07
CA SER B 319 45.93 29.70 17.76
C SER B 319 44.91 28.60 18.05
N SER B 320 43.74 28.94 18.60
CA SER B 320 42.74 27.92 18.92
C SER B 320 41.28 28.33 18.73
N PHE B 321 40.38 27.35 18.75
CA PHE B 321 38.96 27.64 18.72
C PHE B 321 38.19 26.86 19.79
N GLU B 322 36.98 27.31 20.10
CA GLU B 322 36.11 26.66 21.06
C GLU B 322 34.82 26.35 20.38
N ALA B 323 34.36 25.09 20.54
CA ALA B 323 33.12 24.64 19.93
C ALA B 323 32.23 23.92 20.94
N LEU B 324 30.90 24.04 20.73
CA LEU B 324 29.85 23.41 21.51
C LEU B 324 29.49 22.03 20.90
N MET B 325 29.56 20.97 21.73
CA MET B 325 29.26 19.60 21.29
C MET B 325 27.78 19.32 21.47
N GLN B 326 27.30 18.23 20.84
CA GLN B 326 25.90 17.79 20.90
C GLN B 326 25.45 17.37 22.31
N ASP B 327 26.40 17.04 23.21
CA ASP B 327 26.11 16.67 24.60
C ASP B 327 25.97 17.92 25.51
N GLY B 328 26.38 19.08 25.01
CA GLY B 328 26.29 20.34 25.74
C GLY B 328 27.62 20.88 26.21
N SER B 329 28.67 20.07 26.15
CA SER B 329 30.01 20.46 26.57
C SER B 329 30.75 21.28 25.52
N THR B 330 31.67 22.13 26.01
CA THR B 330 32.52 22.99 25.18
C THR B 330 33.95 22.49 25.25
N VAL B 331 34.44 22.09 24.10
CA VAL B 331 35.77 21.54 23.92
C VAL B 331 36.68 22.61 23.30
N THR B 332 37.99 22.48 23.56
CA THR B 332 39.02 23.37 23.04
C THR B 332 39.90 22.62 22.04
N VAL B 333 39.91 23.11 20.79
CA VAL B 333 40.73 22.55 19.72
C VAL B 333 41.98 23.44 19.57
N GLN B 334 43.16 22.93 19.93
CA GLN B 334 44.45 23.65 19.87
C GLN B 334 45.00 23.69 18.45
N TRP B 335 46.03 24.52 18.22
CA TRP B 335 46.65 24.72 16.91
C TRP B 335 46.99 23.46 16.14
N SER B 336 47.68 22.48 16.78
CA SER B 336 48.03 21.18 16.18
C SER B 336 46.81 20.39 15.64
N GLY B 337 45.63 20.71 16.17
CA GLY B 337 44.37 20.10 15.74
C GLY B 337 43.80 20.65 14.44
N MET B 338 44.17 21.88 14.07
CA MET B 338 43.65 22.56 12.89
C MET B 338 44.71 22.99 11.87
N SER B 339 46.01 22.97 12.25
CA SER B 339 47.14 23.42 11.41
C SER B 339 47.25 22.80 10.01
N TRP B 340 46.66 21.60 9.82
CA TRP B 340 46.63 20.83 8.55
C TRP B 340 45.77 21.53 7.50
N ALA B 341 44.80 22.34 7.96
CA ALA B 341 43.80 23.04 7.16
C ALA B 341 44.30 24.07 6.11
N ARG B 342 45.19 23.61 5.19
CA ARG B 342 45.62 24.36 4.00
C ARG B 342 44.29 24.53 3.24
N PRO B 343 43.86 25.76 2.83
CA PRO B 343 42.56 25.88 2.15
C PRO B 343 42.49 25.24 0.78
N TYR B 344 41.39 24.56 0.49
CA TYR B 344 41.17 23.89 -0.77
C TYR B 344 40.94 24.93 -1.86
N ARG B 345 41.69 24.87 -2.96
CA ARG B 345 41.38 25.81 -4.05
C ARG B 345 40.67 25.02 -5.13
N ASN B 346 41.29 23.95 -5.58
CA ASN B 346 40.75 23.00 -6.55
C ASN B 346 41.46 21.67 -6.33
N ALA B 347 41.23 20.62 -7.16
CA ALA B 347 41.92 19.33 -6.96
C ALA B 347 43.45 19.45 -7.03
N ASN B 348 43.93 20.30 -7.95
CA ASN B 348 45.33 20.58 -8.21
C ASN B 348 45.92 21.79 -7.47
N SER B 349 45.11 22.46 -6.65
CA SER B 349 45.58 23.64 -5.92
C SER B 349 45.04 23.70 -4.49
N VAL B 350 45.96 23.96 -3.55
CA VAL B 350 45.66 24.18 -2.14
C VAL B 350 46.39 25.44 -1.72
N GLY B 351 45.76 26.19 -0.82
CA GLY B 351 46.30 27.42 -0.28
C GLY B 351 47.43 27.18 0.69
N ALA B 352 48.11 28.25 1.09
CA ALA B 352 49.24 28.19 2.02
C ALA B 352 48.76 27.66 3.37
N ALA B 353 49.69 27.08 4.17
CA ALA B 353 49.39 26.58 5.51
C ALA B 353 48.69 27.70 6.31
N PRO B 354 47.59 27.41 7.03
CA PRO B 354 46.92 28.50 7.78
C PRO B 354 47.84 29.10 8.84
N SER B 355 47.80 30.44 8.98
CA SER B 355 48.64 31.19 9.91
C SER B 355 47.93 31.53 11.23
N ARG B 356 46.58 31.53 11.24
CA ARG B 356 45.77 31.82 12.43
C ARG B 356 44.41 31.09 12.34
N ALA B 357 43.73 30.87 13.48
CA ALA B 357 42.45 30.14 13.55
C ALA B 357 41.28 30.81 12.85
N SER B 358 41.34 32.16 12.65
CA SER B 358 40.27 32.92 11.99
C SER B 358 40.20 32.63 10.49
N GLN B 359 41.32 32.18 9.92
CA GLN B 359 41.42 31.80 8.50
C GLN B 359 40.72 30.46 8.26
N ILE B 360 40.59 29.61 9.32
CA ILE B 360 39.98 28.29 9.24
C ILE B 360 38.49 28.30 9.62
N VAL B 361 38.15 28.88 10.79
CA VAL B 361 36.77 28.91 11.29
C VAL B 361 36.23 30.30 11.64
N LYS B 362 34.90 30.43 11.54
CA LYS B 362 34.06 31.60 11.87
C LYS B 362 33.21 31.16 13.07
N VAL B 363 32.82 32.10 13.95
CA VAL B 363 31.94 31.78 15.09
C VAL B 363 30.54 31.42 14.48
N LYS B 364 29.93 30.32 14.95
CA LYS B 364 28.63 29.77 14.53
C LYS B 364 28.75 28.82 13.32
N ASP B 365 29.97 28.30 13.07
CA ASP B 365 30.31 27.34 12.01
C ASP B 365 30.03 25.92 12.53
N ILE B 366 29.38 25.08 11.71
CA ILE B 366 29.13 23.66 12.04
C ILE B 366 30.30 22.83 11.49
N VAL B 367 31.24 22.48 12.39
CA VAL B 367 32.44 21.69 12.11
C VAL B 367 32.31 20.26 12.65
N ARG B 368 33.22 19.36 12.24
CA ARG B 368 33.28 17.99 12.74
C ARG B 368 34.59 17.79 13.49
N LEU B 369 34.47 17.23 14.69
CA LEU B 369 35.62 16.99 15.56
C LEU B 369 35.91 15.51 15.84
N ARG B 370 37.13 15.22 16.21
CA ARG B 370 37.50 13.87 16.54
C ARG B 370 38.29 13.88 17.83
N PRO B 371 37.93 13.06 18.85
CA PRO B 371 38.75 13.03 20.06
C PRO B 371 39.96 12.11 19.88
N ASN B 372 40.77 11.91 20.94
CA ASN B 372 41.80 10.89 20.91
C ASN B 372 41.12 9.65 21.56
N GLU B 373 41.87 8.72 22.16
CA GLU B 373 41.23 7.57 22.81
C GLU B 373 40.81 7.93 24.25
N ALA B 374 41.50 8.91 24.83
CA ALA B 374 41.30 9.41 26.18
C ALA B 374 40.19 10.47 26.28
N LYS B 375 39.79 11.05 25.13
CA LYS B 375 38.84 12.18 25.02
C LYS B 375 39.48 13.41 25.70
N THR B 376 40.83 13.47 25.71
CA THR B 376 41.63 14.52 26.33
C THR B 376 42.27 15.48 25.30
N ALA B 377 41.97 15.29 24.00
CA ALA B 377 42.47 16.13 22.90
C ALA B 377 41.52 16.04 21.71
N TRP B 378 41.11 17.18 21.21
CA TRP B 378 40.20 17.22 20.08
C TRP B 378 40.90 17.68 18.84
N SER B 379 40.45 17.14 17.69
CA SER B 379 40.99 17.47 16.37
C SER B 379 39.89 17.96 15.46
N LEU B 380 40.22 18.92 14.59
CA LEU B 380 39.32 19.39 13.57
C LEU B 380 39.52 18.41 12.43
N VAL B 381 38.45 17.77 12.01
CA VAL B 381 38.50 16.79 10.92
C VAL B 381 37.51 17.22 9.83
N GLN B 382 37.43 16.43 8.77
CA GLN B 382 36.56 16.72 7.64
C GLN B 382 36.02 15.46 6.97
N VAL B 383 34.73 15.44 6.70
CA VAL B 383 34.11 14.33 6.00
C VAL B 383 34.44 14.44 4.50
N PRO B 384 35.13 13.43 3.93
CA PRO B 384 35.43 13.49 2.50
C PRO B 384 34.22 13.68 1.59
N LYS B 385 34.39 14.53 0.56
CA LYS B 385 33.44 14.74 -0.54
C LYS B 385 33.69 13.53 -1.52
N VAL B 386 34.91 12.97 -1.46
CA VAL B 386 35.37 11.85 -2.26
C VAL B 386 34.79 10.59 -1.71
N GLN B 387 34.61 9.58 -2.58
CA GLN B 387 34.11 8.27 -2.20
C GLN B 387 35.06 7.17 -2.54
N GLY B 388 34.75 6.01 -2.01
CA GLY B 388 35.53 4.81 -2.22
C GLY B 388 34.68 3.59 -1.95
N GLN B 389 35.26 2.42 -2.21
CA GLN B 389 34.64 1.14 -1.96
C GLN B 389 35.72 0.08 -1.83
N LEU B 390 35.35 -1.03 -1.20
CA LEU B 390 36.17 -2.22 -1.07
C LEU B 390 35.25 -3.43 -1.18
N ILE B 391 35.67 -4.39 -2.00
CA ILE B 391 34.96 -5.64 -2.17
C ILE B 391 36.02 -6.71 -2.16
N ALA B 392 35.91 -7.68 -1.21
CA ALA B 392 36.80 -8.80 -1.06
C ALA B 392 35.99 -10.08 -1.18
N ILE B 393 36.42 -10.97 -2.06
CA ILE B 393 35.72 -12.24 -2.32
C ILE B 393 36.69 -13.44 -2.30
N ASN B 394 36.20 -14.63 -1.93
CA ASN B 394 37.05 -15.81 -1.99
C ASN B 394 37.08 -16.31 -3.46
N PRO B 395 38.26 -16.36 -4.11
CA PRO B 395 38.31 -16.77 -5.54
C PRO B 395 37.86 -18.18 -5.93
N ASN B 396 37.75 -19.11 -4.96
CA ASN B 396 37.37 -20.49 -5.24
C ASN B 396 35.88 -20.69 -5.40
N ASP B 397 35.08 -19.91 -4.70
CA ASP B 397 33.60 -20.05 -4.71
C ASP B 397 32.84 -18.77 -5.03
N GLY B 398 33.48 -17.62 -4.85
CA GLY B 398 32.90 -16.31 -5.05
C GLY B 398 32.26 -15.73 -3.80
N SER B 399 32.53 -16.30 -2.61
CA SER B 399 32.00 -15.82 -1.32
C SER B 399 32.42 -14.41 -1.05
N ILE B 400 31.46 -13.57 -0.64
CA ILE B 400 31.77 -12.19 -0.28
C ILE B 400 32.22 -12.12 1.19
N GLU B 401 33.53 -11.84 1.44
CA GLU B 401 34.15 -11.70 2.78
C GLU B 401 34.06 -10.31 3.42
N ALA B 402 34.09 -9.27 2.63
CA ALA B 402 34.06 -7.88 3.08
C ALA B 402 33.49 -7.03 1.96
N ILE B 403 32.68 -6.06 2.36
CA ILE B 403 31.99 -5.14 1.47
C ILE B 403 31.81 -3.81 2.19
N VAL B 404 32.35 -2.74 1.61
CA VAL B 404 32.26 -1.35 2.06
C VAL B 404 31.86 -0.52 0.81
N GLY B 405 30.65 0.05 0.84
CA GLY B 405 30.03 0.76 -0.28
C GLY B 405 30.26 2.26 -0.39
N GLY B 406 30.97 2.84 0.57
CA GLY B 406 31.30 4.26 0.59
C GLY B 406 32.06 4.61 1.84
N TYR B 407 32.33 5.89 2.08
CA TYR B 407 33.05 6.34 3.30
C TYR B 407 32.35 5.85 4.60
N ASN B 408 31.02 5.98 4.66
CA ASN B 408 30.23 5.61 5.81
C ASN B 408 28.77 5.48 5.40
N PHE B 409 28.12 4.43 5.89
CA PHE B 409 26.71 4.11 5.65
C PHE B 409 25.71 5.20 6.07
N TYR B 410 26.05 5.95 7.14
CA TYR B 410 25.23 7.02 7.72
C TYR B 410 25.39 8.35 6.97
N GLN B 411 26.40 8.46 6.12
CA GLN B 411 26.61 9.60 5.24
C GLN B 411 25.84 9.31 3.94
N SER B 412 25.93 8.07 3.41
CA SER B 412 25.24 7.61 2.19
C SER B 412 24.94 6.09 2.30
N LYS B 413 23.65 5.72 2.15
CA LYS B 413 23.26 4.29 2.22
C LYS B 413 23.54 3.55 0.90
N PHE B 414 24.07 4.28 -0.11
CA PHE B 414 24.41 3.79 -1.44
C PHE B 414 25.62 2.87 -1.37
N ASN B 415 25.54 1.70 -2.02
CA ASN B 415 26.62 0.72 -2.02
C ASN B 415 27.29 0.72 -3.38
N ARG B 416 28.44 1.41 -3.44
CA ARG B 416 29.21 1.58 -4.66
C ARG B 416 29.85 0.30 -5.17
N ALA B 417 29.94 -0.74 -4.33
CA ALA B 417 30.54 -2.04 -4.67
C ALA B 417 29.61 -2.83 -5.57
N LEU B 418 28.29 -2.70 -5.32
CA LEU B 418 27.27 -3.43 -6.06
C LEU B 418 26.51 -2.56 -7.04
N GLN B 419 26.52 -1.23 -6.86
CA GLN B 419 25.72 -0.32 -7.68
C GLN B 419 26.50 0.81 -8.39
N GLY B 420 27.75 1.05 -7.96
CA GLY B 420 28.58 2.11 -8.50
C GLY B 420 29.24 1.78 -9.83
N TRP B 421 28.54 2.06 -10.94
CA TRP B 421 29.02 1.84 -12.31
C TRP B 421 30.07 2.89 -12.64
N ARG B 422 31.30 2.46 -12.96
CA ARG B 422 32.42 3.33 -13.24
C ARG B 422 33.26 2.76 -14.36
N GLN B 423 34.11 3.59 -14.95
CA GLN B 423 35.02 3.09 -15.98
C GLN B 423 36.19 2.41 -15.28
N PRO B 424 36.53 1.14 -15.63
CA PRO B 424 37.64 0.45 -14.94
C PRO B 424 39.04 0.98 -15.30
N GLY B 425 39.20 1.58 -16.48
CA GLY B 425 40.50 2.05 -16.95
C GLY B 425 41.43 0.89 -17.32
N SER B 426 42.71 1.00 -16.94
CA SER B 426 43.75 -0.01 -17.23
C SER B 426 43.61 -1.30 -16.39
N THR B 427 42.60 -1.32 -15.54
CA THR B 427 42.23 -2.43 -14.66
C THR B 427 41.62 -3.55 -15.55
N ILE B 428 41.26 -3.18 -16.79
CA ILE B 428 40.70 -4.08 -17.76
C ILE B 428 41.76 -4.80 -18.62
N LYS B 429 42.96 -4.18 -18.87
CA LYS B 429 44.08 -4.75 -19.64
C LYS B 429 44.42 -6.22 -19.28
N PRO B 430 44.53 -6.65 -17.97
CA PRO B 430 44.77 -8.07 -17.69
C PRO B 430 43.79 -9.06 -18.32
N PHE B 431 42.57 -8.61 -18.65
CA PHE B 431 41.55 -9.44 -19.31
C PHE B 431 41.91 -9.64 -20.79
N LEU B 432 42.24 -8.53 -21.45
CA LEU B 432 42.61 -8.46 -22.85
C LEU B 432 43.95 -9.17 -23.08
N TYR B 433 44.92 -9.01 -22.15
CA TYR B 433 46.24 -9.66 -22.25
C TYR B 433 46.15 -11.14 -21.97
N ALA B 434 45.17 -11.57 -21.18
CA ALA B 434 44.93 -12.99 -20.93
C ALA B 434 44.46 -13.65 -22.26
N LEU B 435 43.60 -12.98 -23.09
CA LEU B 435 43.13 -13.51 -24.38
C LEU B 435 44.25 -13.59 -25.40
N ALA B 436 45.23 -12.69 -25.28
CA ALA B 436 46.40 -12.70 -26.14
C ALA B 436 47.18 -13.98 -25.84
N LEU B 437 47.32 -14.29 -24.55
CA LEU B 437 47.97 -15.49 -24.05
C LEU B 437 47.20 -16.73 -24.50
N GLU B 438 45.85 -16.67 -24.47
CA GLU B 438 44.96 -17.76 -24.90
C GLU B 438 45.37 -18.28 -26.28
N ARG B 439 45.33 -17.39 -27.31
CA ARG B 439 45.68 -17.65 -28.71
C ARG B 439 47.06 -18.26 -28.94
N GLY B 440 47.97 -18.06 -28.00
CA GLY B 440 49.29 -18.67 -28.09
C GLY B 440 50.45 -17.89 -27.53
N MET B 441 50.23 -16.60 -27.19
CA MET B 441 51.31 -15.74 -26.65
C MET B 441 51.79 -16.13 -25.24
N THR B 442 52.91 -15.56 -24.81
CA THR B 442 53.54 -15.80 -23.51
C THR B 442 53.89 -14.44 -22.88
N PRO B 443 54.26 -14.33 -21.56
CA PRO B 443 54.66 -13.03 -21.01
C PRO B 443 55.92 -12.48 -21.66
N TYR B 444 56.69 -13.37 -22.26
CA TYR B 444 57.95 -13.07 -22.91
C TYR B 444 57.82 -12.74 -24.39
N SER B 445 56.69 -13.11 -25.03
CA SER B 445 56.38 -12.81 -26.44
C SER B 445 56.58 -11.33 -26.76
N MET B 446 57.20 -11.06 -27.90
CA MET B 446 57.49 -9.71 -28.34
C MET B 446 56.30 -9.04 -29.00
N VAL B 447 55.86 -7.94 -28.38
CA VAL B 447 54.74 -7.10 -28.82
C VAL B 447 55.28 -5.74 -29.28
N ASN B 448 54.48 -4.98 -30.06
CA ASN B 448 54.95 -3.74 -30.67
C ASN B 448 54.37 -2.45 -30.11
N ASP B 449 55.19 -1.67 -29.38
CA ASP B 449 54.79 -0.37 -28.86
C ASP B 449 55.22 0.66 -29.92
N SER B 450 54.26 1.03 -30.78
CA SER B 450 54.46 1.97 -31.90
C SER B 450 53.22 2.87 -32.03
N PRO B 451 53.27 4.02 -32.75
CA PRO B 451 52.06 4.86 -32.88
C PRO B 451 50.99 4.15 -33.70
N ILE B 452 49.76 4.02 -33.14
CA ILE B 452 48.64 3.32 -33.76
C ILE B 452 47.47 4.25 -34.14
N THR B 453 47.08 4.25 -35.43
CA THR B 453 45.97 5.08 -35.91
C THR B 453 44.69 4.24 -36.05
N ILE B 454 43.63 4.62 -35.32
CA ILE B 454 42.31 3.97 -35.38
C ILE B 454 41.31 5.06 -35.80
N GLY B 455 41.06 5.15 -37.11
CA GLY B 455 40.17 6.14 -37.73
C GLY B 455 40.70 7.56 -37.55
N LYS B 456 39.93 8.39 -36.81
CA LYS B 456 40.29 9.76 -36.45
C LYS B 456 40.54 9.85 -34.93
N TRP B 457 41.28 8.83 -34.42
CA TRP B 457 41.67 8.66 -33.02
C TRP B 457 42.99 7.89 -32.93
N THR B 458 44.06 8.61 -32.62
CA THR B 458 45.39 8.07 -32.43
C THR B 458 45.65 8.03 -30.90
N PRO B 459 45.46 6.86 -30.23
CA PRO B 459 45.71 6.82 -28.78
C PRO B 459 47.18 7.00 -28.44
N LYS B 460 47.44 7.77 -27.37
CA LYS B 460 48.79 8.04 -26.89
C LYS B 460 49.01 7.45 -25.50
N ASN B 461 50.20 6.84 -25.30
CA ASN B 461 50.61 6.24 -24.03
C ASN B 461 50.78 7.34 -22.97
N SER B 462 50.68 6.96 -21.69
CA SER B 462 50.81 7.84 -20.52
C SER B 462 51.83 8.97 -20.71
N ASP B 463 53.06 8.61 -21.12
CA ASP B 463 54.19 9.52 -21.37
C ASP B 463 54.28 9.96 -22.84
N GLY B 464 53.32 9.54 -23.67
CA GLY B 464 53.26 9.87 -25.09
C GLY B 464 54.29 9.16 -25.96
N ARG B 465 55.39 8.71 -25.31
CA ARG B 465 56.53 8.01 -25.90
C ARG B 465 56.16 6.57 -26.27
N TYR B 466 57.06 5.92 -27.02
CA TYR B 466 56.90 4.55 -27.52
C TYR B 466 58.12 3.73 -27.10
N LEU B 467 58.03 2.39 -27.11
CA LEU B 467 59.14 1.53 -26.68
C LEU B 467 59.57 0.45 -27.68
N GLY B 468 58.95 0.44 -28.86
CA GLY B 468 59.21 -0.53 -29.92
C GLY B 468 58.87 -1.92 -29.45
N MET B 469 59.69 -2.91 -29.88
CA MET B 469 59.51 -4.30 -29.49
C MET B 469 59.85 -4.49 -28.01
N ILE B 470 58.88 -4.96 -27.22
CA ILE B 470 59.00 -5.21 -25.78
C ILE B 470 58.21 -6.48 -25.42
N PRO B 471 58.60 -7.27 -24.39
CA PRO B 471 57.80 -8.46 -24.07
C PRO B 471 56.42 -8.09 -23.52
N LEU B 472 55.43 -8.96 -23.72
CA LEU B 472 54.04 -8.80 -23.31
C LEU B 472 53.88 -8.34 -21.85
N ARG B 473 54.69 -8.90 -20.95
CA ARG B 473 54.64 -8.58 -19.53
C ARG B 473 55.08 -7.14 -19.23
N ARG B 474 56.06 -6.61 -19.97
CA ARG B 474 56.51 -5.22 -19.79
C ARG B 474 55.40 -4.28 -20.25
N ALA B 475 54.70 -4.64 -21.35
CA ALA B 475 53.57 -3.92 -21.95
C ALA B 475 52.40 -3.77 -20.98
N LEU B 476 52.09 -4.83 -20.23
CA LEU B 476 51.03 -4.83 -19.24
C LEU B 476 51.39 -3.98 -18.04
N TYR B 477 52.60 -4.19 -17.48
CA TYR B 477 53.15 -3.46 -16.34
C TYR B 477 53.19 -1.95 -16.56
N LEU B 478 53.64 -1.51 -17.74
CA LEU B 478 53.73 -0.08 -18.02
C LEU B 478 52.43 0.50 -18.59
N SER B 479 51.41 -0.40 -18.80
CA SER B 479 50.09 -0.12 -19.38
C SER B 479 50.23 0.68 -20.68
N ARG B 480 50.95 0.11 -21.66
CA ARG B 480 51.18 0.71 -22.97
C ARG B 480 49.91 0.54 -23.78
N ASN B 481 49.16 1.64 -23.90
CA ASN B 481 47.88 1.78 -24.59
C ASN B 481 47.91 1.31 -26.06
N THR B 482 49.03 1.52 -26.75
CA THR B 482 49.22 1.15 -28.15
C THR B 482 49.33 -0.36 -28.35
N VAL B 483 49.90 -1.08 -27.37
CA VAL B 483 50.00 -2.54 -27.44
C VAL B 483 48.60 -3.15 -27.19
N SER B 484 47.81 -2.53 -26.31
CA SER B 484 46.45 -2.95 -25.98
C SER B 484 45.55 -2.95 -27.23
N VAL B 485 45.56 -1.83 -27.97
CA VAL B 485 44.79 -1.66 -29.21
C VAL B 485 45.27 -2.65 -30.28
N ARG B 486 46.59 -2.92 -30.31
CA ARG B 486 47.22 -3.88 -31.22
C ARG B 486 46.81 -5.31 -30.87
N LEU B 487 46.74 -5.64 -29.55
CA LEU B 487 46.29 -6.95 -29.06
C LEU B 487 44.81 -7.11 -29.31
N LEU B 488 44.02 -6.01 -29.24
CA LEU B 488 42.57 -6.00 -29.51
C LEU B 488 42.29 -6.27 -30.99
N GLN B 489 43.13 -5.70 -31.90
CA GLN B 489 43.07 -5.91 -33.34
C GLN B 489 43.44 -7.38 -33.66
N THR B 490 44.42 -7.95 -32.91
CA THR B 490 44.91 -9.31 -33.07
C THR B 490 43.88 -10.35 -32.63
N VAL B 491 43.22 -10.12 -31.51
CA VAL B 491 42.22 -11.08 -31.01
C VAL B 491 40.80 -10.89 -31.58
N GLY B 492 40.47 -9.66 -31.94
CA GLY B 492 39.18 -9.32 -32.53
C GLY B 492 38.25 -8.68 -31.52
N ILE B 493 37.65 -7.55 -31.91
CA ILE B 493 36.71 -6.75 -31.08
C ILE B 493 35.66 -7.62 -30.40
N GLU B 494 34.87 -8.40 -31.17
CA GLU B 494 33.81 -9.25 -30.63
C GLU B 494 34.29 -10.43 -29.78
N ARG B 495 35.32 -11.16 -30.26
CA ARG B 495 35.92 -12.31 -29.55
C ARG B 495 36.46 -11.91 -28.15
N THR B 496 36.69 -10.59 -27.96
CA THR B 496 37.14 -9.92 -26.74
C THR B 496 35.91 -9.61 -25.91
N ARG B 497 34.85 -8.99 -26.54
CA ARG B 497 33.56 -8.66 -25.90
C ARG B 497 33.00 -9.90 -25.25
N GLN B 498 33.04 -11.05 -25.98
CA GLN B 498 32.57 -12.33 -25.49
C GLN B 498 33.36 -12.81 -24.30
N LEU B 499 34.66 -12.56 -24.32
CA LEU B 499 35.52 -12.94 -23.20
C LEU B 499 35.31 -12.04 -21.99
N PHE B 500 35.13 -10.70 -22.21
CA PHE B 500 34.82 -9.68 -21.17
C PHE B 500 33.51 -10.02 -20.49
N MET B 501 32.56 -10.55 -21.25
CA MET B 501 31.28 -11.02 -20.73
C MET B 501 31.52 -12.30 -19.93
N ASP B 502 32.35 -13.22 -20.48
CA ASP B 502 32.72 -14.47 -19.81
C ASP B 502 33.47 -14.18 -18.50
N PHE B 503 34.09 -12.97 -18.36
CA PHE B 503 34.75 -12.52 -17.11
C PHE B 503 33.73 -11.98 -16.08
N GLY B 504 32.59 -11.50 -16.56
CA GLY B 504 31.53 -10.99 -15.70
C GLY B 504 31.06 -9.58 -15.96
N LEU B 505 31.24 -9.06 -17.20
CA LEU B 505 30.83 -7.70 -17.59
C LEU B 505 29.55 -7.78 -18.44
N GLN B 506 28.69 -6.77 -18.30
CA GLN B 506 27.38 -6.71 -18.98
C GLN B 506 27.44 -6.42 -20.49
N GLU B 507 26.81 -7.29 -21.31
CA GLU B 507 26.75 -7.18 -22.79
C GLU B 507 26.46 -5.75 -23.28
N ASP B 508 25.39 -5.14 -22.75
CA ASP B 508 24.96 -3.78 -23.09
C ASP B 508 25.96 -2.73 -22.62
N GLN B 509 26.70 -3.02 -21.53
CA GLN B 509 27.69 -2.08 -20.98
C GLN B 509 29.05 -2.13 -21.68
N ILE B 510 29.27 -3.10 -22.60
CA ILE B 510 30.51 -3.25 -23.37
C ILE B 510 30.33 -2.70 -24.80
N PRO B 511 30.96 -1.54 -25.14
CA PRO B 511 30.87 -1.02 -26.52
C PRO B 511 31.41 -1.95 -27.62
N ARG B 512 31.25 -1.53 -28.88
CA ARG B 512 31.74 -2.26 -30.04
C ARG B 512 32.68 -1.29 -30.77
N ASN B 513 33.88 -1.11 -30.19
CA ASN B 513 34.93 -0.19 -30.67
C ASN B 513 36.29 -0.51 -30.06
N TYR B 514 37.39 0.02 -30.64
CA TYR B 514 38.74 -0.20 -30.14
C TYR B 514 39.08 0.55 -28.83
N THR B 515 38.13 1.28 -28.24
CA THR B 515 38.39 1.98 -26.97
C THR B 515 38.18 1.06 -25.77
N ILE B 516 37.55 -0.16 -25.98
CA ILE B 516 37.36 -1.17 -24.92
C ILE B 516 38.72 -1.71 -24.47
N ALA B 517 39.76 -1.42 -25.28
CA ALA B 517 41.13 -1.77 -25.00
C ALA B 517 41.65 -0.90 -23.85
N LEU B 518 41.27 0.39 -23.80
CA LEU B 518 41.72 1.31 -22.74
C LEU B 518 40.72 1.45 -21.55
N GLY B 519 39.79 0.49 -21.43
CA GLY B 519 38.81 0.44 -20.36
C GLY B 519 37.67 1.43 -20.37
N THR B 520 37.07 1.67 -21.55
CA THR B 520 35.94 2.61 -21.66
C THR B 520 34.61 2.08 -21.10
N PRO B 521 34.33 0.74 -21.12
CA PRO B 521 33.05 0.24 -20.59
C PRO B 521 32.76 0.66 -19.15
N GLN B 522 31.51 0.45 -18.71
CA GLN B 522 31.13 0.72 -17.33
C GLN B 522 30.99 -0.62 -16.63
N VAL B 523 31.60 -0.71 -15.44
CA VAL B 523 31.63 -1.93 -14.63
C VAL B 523 31.24 -1.65 -13.19
N LEU B 524 30.92 -2.75 -12.49
CA LEU B 524 30.70 -2.70 -11.07
C LEU B 524 31.97 -3.24 -10.45
N PRO B 525 32.43 -2.71 -9.30
CA PRO B 525 33.65 -3.31 -8.70
C PRO B 525 33.54 -4.82 -8.43
N ILE B 526 32.33 -5.29 -8.06
CA ILE B 526 32.04 -6.70 -7.77
C ILE B 526 32.35 -7.59 -9.00
N GLN B 527 32.09 -7.05 -10.21
CA GLN B 527 32.37 -7.64 -11.53
C GLN B 527 33.87 -7.71 -11.77
N MET B 528 34.61 -6.69 -11.34
CA MET B 528 36.08 -6.66 -11.40
C MET B 528 36.67 -7.71 -10.47
N ALA B 529 36.15 -7.86 -9.23
CA ALA B 529 36.61 -8.87 -8.24
C ALA B 529 36.33 -10.27 -8.78
N THR B 530 35.17 -10.46 -9.47
CA THR B 530 34.80 -11.72 -10.13
C THR B 530 35.81 -12.07 -11.25
N GLY B 531 36.17 -11.06 -12.05
CA GLY B 531 37.09 -11.17 -13.15
C GLY B 531 38.51 -11.46 -12.77
N TYR B 532 39.01 -10.85 -11.68
CA TYR B 532 40.38 -11.04 -11.17
C TYR B 532 40.55 -12.38 -10.47
N ALA B 533 39.45 -12.93 -9.95
CA ALA B 533 39.38 -14.25 -9.29
C ALA B 533 39.69 -15.32 -10.28
N THR B 534 39.59 -15.00 -11.57
CA THR B 534 39.92 -15.92 -12.65
C THR B 534 41.42 -16.25 -12.64
N PHE B 535 42.25 -15.27 -12.32
CA PHE B 535 43.69 -15.47 -12.28
C PHE B 535 44.04 -16.27 -11.05
N ALA B 536 43.56 -15.79 -9.87
CA ALA B 536 43.73 -16.37 -8.54
C ALA B 536 43.34 -17.85 -8.41
N ASN B 537 42.36 -18.30 -9.22
CA ASN B 537 41.77 -19.65 -9.19
C ASN B 537 42.14 -20.61 -10.33
N GLY B 538 42.88 -20.10 -11.30
CA GLY B 538 43.34 -20.91 -12.43
C GLY B 538 42.48 -20.90 -13.69
N GLY B 539 41.70 -19.85 -13.87
CA GLY B 539 40.88 -19.66 -15.07
C GLY B 539 39.46 -20.17 -15.03
N TYR B 540 38.84 -20.09 -13.86
CA TYR B 540 37.47 -20.54 -13.70
C TYR B 540 36.58 -19.38 -13.47
N ARG B 541 35.33 -19.49 -13.89
CA ARG B 541 34.38 -18.43 -13.65
C ARG B 541 33.55 -18.78 -12.42
N VAL B 542 33.73 -18.01 -11.34
CA VAL B 542 32.97 -18.11 -10.08
C VAL B 542 31.90 -16.98 -9.99
N GLN B 543 30.89 -17.16 -9.17
CA GLN B 543 29.85 -16.13 -9.05
C GLN B 543 29.86 -15.63 -7.66
N PRO B 544 29.83 -14.32 -7.47
CA PRO B 544 29.78 -13.78 -6.10
C PRO B 544 28.45 -14.11 -5.38
N HIS B 545 28.53 -14.65 -4.16
CA HIS B 545 27.45 -15.08 -3.26
C HIS B 545 27.66 -14.43 -1.88
N PHE B 546 26.58 -14.04 -1.17
CA PHE B 546 26.72 -13.55 0.20
C PHE B 546 26.02 -14.44 1.26
N ILE B 547 25.20 -15.42 0.83
CA ILE B 547 24.45 -16.29 1.75
C ILE B 547 25.09 -17.66 1.76
N GLN B 548 25.47 -18.14 2.97
CA GLN B 548 26.06 -19.45 3.17
C GLN B 548 24.91 -20.45 3.42
N ARG B 549 23.98 -20.10 4.36
CA ARG B 549 22.78 -20.88 4.69
C ARG B 549 21.68 -20.01 5.31
N ILE B 550 20.43 -20.43 5.17
CA ILE B 550 19.30 -19.82 5.84
C ILE B 550 18.62 -20.91 6.70
N GLU B 551 18.33 -20.58 7.95
CA GLU B 551 17.58 -21.46 8.85
C GLU B 551 16.25 -20.77 9.14
N ASP B 552 15.21 -21.54 9.41
CA ASP B 552 13.91 -20.98 9.81
C ASP B 552 13.98 -20.66 11.32
N ALA B 553 12.86 -20.24 11.94
CA ALA B 553 12.82 -19.97 13.38
C ALA B 553 13.01 -21.23 14.27
N TYR B 554 12.67 -22.39 13.72
CA TYR B 554 12.74 -23.68 14.40
C TYR B 554 14.15 -24.30 14.42
N GLY B 555 15.10 -23.66 13.71
CA GLY B 555 16.49 -24.09 13.63
C GLY B 555 16.80 -24.95 12.42
N LYS B 556 15.79 -25.22 11.56
CA LYS B 556 15.94 -26.03 10.35
C LYS B 556 16.58 -25.27 9.20
N VAL B 557 17.65 -25.84 8.62
CA VAL B 557 18.35 -25.31 7.46
C VAL B 557 17.42 -25.54 6.24
N ILE B 558 16.93 -24.43 5.66
CA ILE B 558 15.99 -24.37 4.54
C ILE B 558 16.70 -24.00 3.23
N TYR B 559 17.90 -23.42 3.36
CA TYR B 559 18.76 -23.07 2.24
C TYR B 559 20.20 -23.33 2.63
N GLU B 560 20.97 -23.85 1.69
CA GLU B 560 22.39 -24.15 1.87
C GLU B 560 23.03 -23.88 0.51
N ALA B 561 23.84 -22.83 0.43
CA ALA B 561 24.52 -22.40 -0.80
C ALA B 561 25.28 -23.53 -1.47
N LYS B 562 25.06 -23.68 -2.76
CA LYS B 562 25.72 -24.68 -3.62
C LYS B 562 26.47 -23.84 -4.70
N PRO B 563 27.63 -23.18 -4.36
CA PRO B 563 28.31 -22.37 -5.36
C PRO B 563 29.07 -23.22 -6.37
N GLU B 564 29.47 -22.59 -7.48
CA GLU B 564 30.28 -23.22 -8.52
C GLU B 564 31.72 -23.08 -8.03
N TYR B 565 32.39 -24.20 -7.79
CA TYR B 565 33.74 -24.21 -7.28
C TYR B 565 34.74 -24.24 -8.38
N ALA B 566 35.77 -23.39 -8.25
CA ALA B 566 36.88 -23.35 -9.16
C ALA B 566 37.64 -24.68 -9.02
N CYS B 567 37.95 -25.06 -7.79
CA CYS B 567 38.67 -26.28 -7.44
C CYS B 567 37.95 -26.97 -6.29
N ILE B 568 37.21 -28.06 -6.59
CA ILE B 568 36.47 -28.83 -5.57
C ILE B 568 37.39 -29.48 -4.52
N PRO B 569 38.48 -30.19 -4.90
CA PRO B 569 39.39 -30.74 -3.86
C PRO B 569 39.96 -29.73 -2.86
N CYS B 570 40.13 -28.47 -3.31
CA CYS B 570 40.69 -27.35 -2.55
C CYS B 570 40.01 -27.02 -1.23
N ILE B 571 38.76 -27.44 -1.03
CA ILE B 571 37.99 -27.13 0.20
C ILE B 571 38.47 -27.91 1.42
N ASN B 572 39.14 -29.04 1.18
CA ASN B 572 39.61 -29.96 2.21
C ASN B 572 41.07 -29.78 2.69
N ALA B 573 41.76 -28.71 2.20
CA ALA B 573 43.15 -28.30 2.48
C ALA B 573 43.78 -28.80 3.80
N ASN B 616 21.75 -31.43 -9.98
CA ASN B 616 21.29 -32.32 -8.91
C ASN B 616 22.43 -32.70 -7.95
N SER B 617 23.68 -32.57 -8.42
CA SER B 617 24.91 -32.90 -7.69
C SER B 617 25.13 -32.12 -6.38
N GLN B 618 25.98 -32.71 -5.51
CA GLN B 618 26.38 -32.20 -4.20
C GLN B 618 27.35 -30.99 -4.35
N TYR B 619 28.30 -31.07 -5.31
CA TYR B 619 29.31 -30.04 -5.59
C TYR B 619 29.36 -29.65 -7.06
N ARG B 620 29.04 -28.36 -7.34
CA ARG B 620 29.06 -27.77 -8.67
C ARG B 620 30.49 -27.35 -9.02
N GLN B 621 30.96 -27.71 -10.22
CA GLN B 621 32.28 -27.34 -10.71
C GLN B 621 32.11 -26.14 -11.63
N ALA B 622 32.79 -25.03 -11.31
CA ALA B 622 32.75 -23.79 -12.08
C ALA B 622 33.29 -24.02 -13.49
N GLN B 623 32.77 -23.28 -14.45
CA GLN B 623 33.15 -23.37 -15.86
C GLN B 623 34.51 -22.76 -16.06
N ARG B 624 35.40 -23.43 -16.82
CA ARG B 624 36.72 -22.90 -17.13
C ARG B 624 36.55 -21.84 -18.23
N ILE B 625 37.11 -20.63 -18.04
CA ILE B 625 37.05 -19.51 -19.01
C ILE B 625 38.45 -19.10 -19.58
N LEU B 626 39.55 -19.75 -19.08
CA LEU B 626 40.92 -19.51 -19.49
C LEU B 626 41.70 -20.79 -19.39
N LYS B 627 42.71 -20.95 -20.26
CA LYS B 627 43.63 -22.08 -20.17
C LYS B 627 44.42 -21.82 -18.87
N SER B 628 44.59 -22.87 -18.07
CA SER B 628 45.33 -22.91 -16.81
C SER B 628 46.64 -22.12 -16.90
N SER B 629 47.39 -22.32 -18.01
CA SER B 629 48.66 -21.67 -18.34
C SER B 629 48.52 -20.17 -18.43
N SER B 630 47.50 -19.67 -19.16
CA SER B 630 47.29 -18.23 -19.33
C SER B 630 46.82 -17.55 -18.06
N ALA B 631 46.00 -18.24 -17.22
CA ALA B 631 45.58 -17.67 -15.94
C ALA B 631 46.78 -17.62 -14.98
N TYR B 632 47.60 -18.69 -14.95
CA TYR B 632 48.84 -18.79 -14.14
C TYR B 632 49.89 -17.74 -14.59
N ASP B 633 49.99 -17.52 -15.91
CA ASP B 633 50.92 -16.57 -16.51
C ASP B 633 50.56 -15.15 -16.18
N MET B 634 49.26 -14.80 -16.32
CA MET B 634 48.74 -13.48 -15.96
C MET B 634 48.94 -13.22 -14.47
N ALA B 635 48.65 -14.23 -13.66
CA ALA B 635 48.89 -14.13 -12.22
C ALA B 635 50.32 -13.68 -11.92
N ASN B 636 51.33 -14.32 -12.55
CA ASN B 636 52.74 -14.00 -12.30
C ASN B 636 53.15 -12.63 -12.86
N ILE B 637 52.54 -12.22 -14.00
CA ILE B 637 52.78 -10.90 -14.58
C ILE B 637 52.30 -9.88 -13.50
N LEU B 638 51.05 -10.09 -12.97
CA LEU B 638 50.43 -9.28 -11.91
C LEU B 638 51.22 -9.22 -10.62
N ARG B 639 51.89 -10.32 -10.27
CA ARG B 639 52.76 -10.39 -9.10
C ARG B 639 54.03 -9.57 -9.38
N ASP B 640 54.51 -9.58 -10.62
CA ASP B 640 55.71 -8.78 -10.83
C ASP B 640 55.41 -7.30 -10.97
N VAL B 641 54.18 -6.95 -11.43
CA VAL B 641 53.66 -5.57 -11.46
C VAL B 641 53.79 -5.04 -10.01
N ILE B 642 53.32 -5.84 -9.03
CA ILE B 642 53.29 -5.43 -7.62
C ILE B 642 54.64 -5.43 -6.88
N GLU B 643 55.53 -6.39 -7.16
CA GLU B 643 56.81 -6.46 -6.47
C GLU B 643 57.73 -5.31 -6.86
N HIS B 644 57.67 -4.91 -8.14
CA HIS B 644 58.44 -3.82 -8.75
C HIS B 644 57.63 -2.52 -8.63
N GLY B 645 57.85 -1.78 -7.54
CA GLY B 645 57.16 -0.53 -7.26
C GLY B 645 55.76 -0.74 -6.73
N THR B 646 55.63 -1.11 -5.44
CA THR B 646 54.35 -1.35 -4.76
C THR B 646 53.55 -0.07 -4.53
N LYS B 652 55.81 -3.65 0.03
CA LYS B 652 55.42 -2.89 1.22
C LYS B 652 54.95 -3.89 2.29
N ILE B 653 54.01 -4.77 1.94
CA ILE B 653 53.60 -5.82 2.88
C ILE B 653 54.52 -7.04 2.71
N GLY B 654 54.83 -7.70 3.81
CA GLY B 654 55.75 -8.83 3.83
C GLY B 654 55.09 -10.10 3.37
N ARG B 655 54.71 -10.13 2.09
CA ARG B 655 54.04 -11.27 1.44
C ARG B 655 54.57 -11.34 0.03
N SER B 656 54.70 -12.56 -0.49
CA SER B 656 55.22 -12.79 -1.86
C SER B 656 54.17 -13.50 -2.72
N ASP B 657 52.93 -13.59 -2.22
CA ASP B 657 51.84 -14.31 -2.85
C ASP B 657 50.78 -13.39 -3.35
N LEU B 658 51.12 -12.10 -3.57
CA LEU B 658 50.20 -11.04 -4.01
C LEU B 658 50.43 -10.59 -5.41
N GLY B 659 49.34 -10.55 -6.17
CA GLY B 659 49.31 -10.08 -7.55
C GLY B 659 48.35 -8.93 -7.65
N GLY B 660 48.64 -7.93 -8.46
CA GLY B 660 47.73 -6.80 -8.59
C GLY B 660 47.97 -5.87 -9.75
N LYS B 661 46.98 -5.07 -10.12
CA LYS B 661 46.98 -4.08 -11.20
C LYS B 661 46.31 -2.79 -10.75
N THR B 662 46.93 -1.65 -11.06
CA THR B 662 46.39 -0.32 -10.80
C THR B 662 45.62 0.15 -12.03
N GLY B 663 44.74 1.11 -11.82
CA GLY B 663 43.95 1.70 -12.89
C GLY B 663 43.66 3.16 -12.62
N THR B 664 43.74 3.98 -13.68
CA THR B 664 43.45 5.43 -13.66
C THR B 664 42.74 5.78 -14.96
N THR B 665 41.54 6.35 -14.88
CA THR B 665 40.80 6.73 -16.09
C THR B 665 41.26 8.12 -16.59
N ASN B 666 40.79 8.55 -17.77
CA ASN B 666 41.15 9.85 -18.31
C ASN B 666 40.75 10.95 -17.30
N ASP B 667 41.71 11.86 -17.06
CA ASP B 667 41.65 12.99 -16.13
C ASP B 667 41.44 12.54 -14.68
N ALA B 668 42.06 11.38 -14.33
CA ALA B 668 42.01 10.74 -13.02
C ALA B 668 40.62 10.83 -12.40
N LYS B 669 39.61 10.47 -13.19
CA LYS B 669 38.22 10.52 -12.76
C LYS B 669 37.89 9.32 -11.85
N ASP B 670 38.83 8.31 -11.82
CA ASP B 670 38.74 7.06 -11.06
C ASP B 670 40.15 6.53 -10.79
N ALA B 671 40.42 6.14 -9.54
CA ALA B 671 41.64 5.49 -9.06
C ALA B 671 41.20 4.09 -8.63
N TRP B 672 41.82 3.06 -9.22
CA TRP B 672 41.49 1.65 -8.96
C TRP B 672 42.71 0.81 -8.63
N PHE B 673 42.46 -0.28 -7.91
CA PHE B 673 43.40 -1.33 -7.61
C PHE B 673 42.65 -2.64 -7.40
N ALA B 674 42.99 -3.62 -8.24
CA ALA B 674 42.43 -4.95 -8.25
C ALA B 674 43.61 -5.90 -7.97
N GLY B 675 43.56 -6.56 -6.83
CA GLY B 675 44.62 -7.45 -6.39
C GLY B 675 44.18 -8.67 -5.62
N PHE B 676 45.03 -9.68 -5.56
CA PHE B 676 44.70 -10.93 -4.90
C PHE B 676 45.91 -11.71 -4.40
N ASN B 677 45.60 -12.83 -3.74
CA ASN B 677 46.47 -13.93 -3.32
C ASN B 677 45.57 -15.15 -3.63
N GLY B 678 46.05 -16.37 -3.40
CA GLY B 678 45.29 -17.58 -3.70
C GLY B 678 43.97 -17.73 -2.97
N LYS B 679 43.81 -17.02 -1.82
CA LYS B 679 42.61 -17.12 -0.97
C LYS B 679 41.68 -15.89 -0.92
N LEU B 680 42.11 -14.75 -1.49
CA LEU B 680 41.34 -13.51 -1.38
C LEU B 680 41.62 -12.52 -2.50
N VAL B 681 40.53 -12.07 -3.17
CA VAL B 681 40.56 -11.05 -4.23
C VAL B 681 39.95 -9.77 -3.64
N THR B 682 40.69 -8.66 -3.70
CA THR B 682 40.21 -7.35 -3.24
C THR B 682 40.31 -6.29 -4.34
N VAL B 683 39.22 -5.58 -4.58
CA VAL B 683 39.12 -4.47 -5.54
C VAL B 683 38.75 -3.23 -4.77
N THR B 684 39.60 -2.21 -4.87
CA THR B 684 39.34 -0.90 -4.24
C THR B 684 39.12 0.16 -5.33
N TRP B 685 38.34 1.19 -5.03
CA TRP B 685 38.10 2.26 -5.97
C TRP B 685 37.96 3.55 -5.19
N VAL B 686 38.46 4.64 -5.76
CA VAL B 686 38.40 6.00 -5.20
C VAL B 686 37.98 6.93 -6.33
N GLY B 687 37.01 7.80 -6.04
CA GLY B 687 36.49 8.78 -6.99
C GLY B 687 35.32 9.55 -6.43
N PHE B 688 34.90 10.61 -7.14
CA PHE B 688 33.73 11.42 -6.79
C PHE B 688 32.48 10.83 -7.42
N ASP B 689 31.33 10.94 -6.73
CA ASP B 689 30.08 10.41 -7.25
C ASP B 689 29.65 11.07 -8.56
N GLN B 690 29.84 12.41 -8.67
CA GLN B 690 29.60 13.21 -9.88
C GLN B 690 31.02 13.33 -10.45
N PRO B 691 31.36 12.54 -11.51
CA PRO B 691 32.77 12.45 -11.97
C PRO B 691 33.52 13.73 -12.25
N THR B 692 34.54 13.95 -11.42
CA THR B 692 35.47 15.07 -11.42
C THR B 692 36.85 14.47 -11.28
N THR B 693 37.86 15.28 -11.52
CA THR B 693 39.25 14.88 -11.39
C THR B 693 39.61 14.75 -9.93
N LEU B 694 40.44 13.74 -9.63
CA LEU B 694 40.92 13.49 -8.29
C LEU B 694 42.17 14.34 -8.02
N GLY B 695 42.74 14.90 -9.09
CA GLY B 695 43.98 15.66 -9.09
C GLY B 695 44.97 14.99 -10.03
N ARG B 696 46.14 15.61 -10.28
CA ARG B 696 47.15 15.06 -11.19
C ARG B 696 47.99 13.99 -10.58
N ARG B 697 48.30 14.12 -9.30
CA ARG B 697 49.14 13.12 -8.62
C ARG B 697 48.39 11.83 -8.29
N GLU B 698 47.06 11.83 -8.45
CA GLU B 698 46.15 10.80 -7.98
C GLU B 698 45.86 9.58 -8.83
N TYR B 699 46.88 8.72 -9.00
CA TYR B 699 46.63 7.49 -9.77
C TYR B 699 46.11 6.35 -8.86
N GLY B 700 45.70 5.23 -9.47
CA GLY B 700 45.27 4.04 -8.75
C GLY B 700 46.24 3.65 -7.64
N GLY B 701 47.54 3.62 -7.98
CA GLY B 701 48.65 3.32 -7.07
C GLY B 701 48.85 4.31 -5.93
N ILE B 702 48.25 5.53 -6.03
CA ILE B 702 48.34 6.62 -5.05
C ILE B 702 47.09 6.75 -4.17
N ALA B 703 45.89 6.71 -4.77
CA ALA B 703 44.66 6.87 -4.01
C ALA B 703 44.03 5.55 -3.53
N ALA B 704 43.85 4.57 -4.46
CA ALA B 704 43.22 3.26 -4.22
C ALA B 704 44.17 2.23 -3.58
N LEU B 705 45.39 2.06 -4.13
CA LEU B 705 46.36 1.10 -3.62
C LEU B 705 46.58 1.14 -2.11
N PRO B 706 46.81 2.33 -1.44
CA PRO B 706 46.98 2.33 0.02
C PRO B 706 45.85 1.70 0.86
N ILE B 707 44.59 1.78 0.37
CA ILE B 707 43.46 1.15 1.07
C ILE B 707 43.60 -0.39 0.93
N TRP B 708 43.88 -0.86 -0.30
CA TRP B 708 44.06 -2.26 -0.65
C TRP B 708 45.18 -2.86 0.19
N ILE B 709 46.38 -2.23 0.23
CA ILE B 709 47.52 -2.72 1.01
C ILE B 709 47.11 -2.85 2.47
N ASN B 710 46.54 -1.77 3.02
CA ASN B 710 46.14 -1.67 4.41
C ASN B 710 45.16 -2.79 4.82
N PHE B 711 44.23 -3.15 3.92
CA PHE B 711 43.25 -4.23 4.11
C PHE B 711 43.92 -5.59 4.04
N MET B 712 44.56 -5.90 2.89
CA MET B 712 45.27 -7.14 2.58
C MET B 712 46.31 -7.54 3.61
N GLY B 713 47.14 -6.58 4.04
CA GLY B 713 48.15 -6.81 5.06
C GLY B 713 47.55 -7.36 6.34
N GLN B 714 46.49 -6.70 6.83
CA GLN B 714 45.79 -7.07 8.05
C GLN B 714 44.93 -8.33 7.91
N ALA B 715 44.20 -8.45 6.77
CA ALA B 715 43.34 -9.60 6.46
C ALA B 715 44.18 -10.87 6.26
N LEU B 716 45.34 -10.74 5.60
CA LEU B 716 46.19 -11.89 5.33
C LEU B 716 47.25 -12.18 6.42
N GLN B 717 47.28 -11.36 7.50
CA GLN B 717 48.21 -11.51 8.64
C GLN B 717 48.05 -12.87 9.30
N GLY B 718 49.18 -13.54 9.54
CA GLY B 718 49.24 -14.86 10.16
C GLY B 718 48.53 -15.94 9.36
N THR B 719 48.75 -15.94 8.04
CA THR B 719 48.20 -16.90 7.07
C THR B 719 49.36 -17.28 6.16
N PRO B 720 49.50 -18.56 5.81
CA PRO B 720 50.64 -18.95 4.97
C PRO B 720 50.45 -18.45 3.56
N ALA B 721 51.56 -18.34 2.82
CA ALA B 721 51.56 -17.93 1.43
C ALA B 721 50.64 -18.86 0.64
N ALA B 722 49.74 -18.28 -0.17
CA ALA B 722 48.77 -18.99 -1.01
C ALA B 722 48.82 -18.36 -2.38
N TRP B 723 49.21 -19.13 -3.37
CA TRP B 723 49.35 -18.63 -4.73
C TRP B 723 48.62 -19.58 -5.68
N VAL B 724 48.40 -19.14 -6.91
CA VAL B 724 47.73 -19.91 -7.96
C VAL B 724 48.48 -21.26 -8.29
N ARG B 725 47.84 -22.25 -8.95
CA ARG B 725 48.58 -23.48 -9.33
C ARG B 725 48.54 -23.85 -10.83
O8 PNM C . -43.83 15.92 5.87
C7 PNM C . -44.35 16.76 6.60
N4 PNM C . -46.05 16.14 4.32
C3 PNM C . -47.23 15.61 3.65
C11 PNM C . -47.55 14.28 4.25
O13 PNM C . -47.56 14.08 5.46
O12 PNM C . -47.75 13.35 3.51
C2 PNM C . -48.36 16.66 3.51
C10 PNM C . -48.69 16.87 2.04
C9 PNM C . -49.64 16.34 4.29
S1 PNM C . -47.57 18.18 4.20
C5 PNM C . -46.45 17.20 5.29
C6 PNM C . -45.24 17.85 5.99
N14 PNM C . -44.47 18.75 5.09
C15 PNM C . -44.75 20.07 4.96
O16 PNM C . -45.65 20.59 5.58
C17 PNM C . -43.94 20.93 4.01
C18 PNM C . -44.27 20.73 2.54
C19 PNM C . -43.74 21.64 1.60
C20 PNM C . -43.98 21.48 0.24
C21 PNM C . -44.76 20.41 -0.22
C22 PNM C . -45.29 19.51 0.70
C23 PNM C . -45.05 19.67 2.06
O8 PNM D . 44.80 3.05 -16.14
C7 PNM D . 45.28 2.75 -17.22
N4 PNM D . 47.86 2.86 -16.35
C3 PNM D . 47.80 3.69 -15.14
C11 PNM D . 47.95 2.79 -13.94
O13 PNM D . 48.04 1.58 -14.09
O12 PNM D . 47.96 3.27 -12.82
C2 PNM D . 48.70 4.94 -15.29
C10 PNM D . 48.27 6.16 -14.47
C9 PNM D . 50.18 4.65 -15.02
S1 PNM D . 48.45 5.29 -17.07
C5 PNM D . 47.63 3.70 -17.57
C6 PNM D . 46.13 3.77 -17.98
N14 PNM D . 45.59 5.14 -17.83
C15 PNM D . 45.51 6.05 -18.83
O16 PNM D . 45.91 5.79 -19.95
C17 PNM D . 44.92 7.40 -18.59
C18 PNM D . 45.72 8.20 -17.60
C19 PNM D . 45.06 8.83 -16.54
C20 PNM D . 45.75 9.59 -15.60
C21 PNM D . 47.12 9.71 -15.74
C22 PNM D . 47.79 9.08 -16.79
C23 PNM D . 47.09 8.35 -17.74
#